data_8D4V
#
_entry.id   8D4V
#
_cell.length_a   77.561
_cell.length_b   80.273
_cell.length_c   99.761
_cell.angle_alpha   90.000
_cell.angle_beta   90.000
_cell.angle_gamma   90.000
#
_symmetry.space_group_name_H-M   'P 2 21 21'
#
loop_
_entity.id
_entity.type
_entity.pdbx_description
1 polymer 'Cathepsin G, C-terminal truncated form'
2 polymer 'Extracellular Adherence Protein'
3 non-polymer 'SULFATE ION'
4 water water
#
loop_
_entity_poly.entity_id
_entity_poly.type
_entity_poly.pdbx_seq_one_letter_code
_entity_poly.pdbx_strand_id
1 'polypeptide(L)'
;IIGGRESRPHSRPYMAYLQIQSPAGQSRCGGFLVREDFVLTAAHCWGSNINVTLGAHNIQRRENTQQHITARRAIRHPQY
NQRTIQNDIMLLQLSRRVRRNRNVNPVALPRAQEGLRPGTLCTVAGWGRVSMRRGTDTLREVQLRVQRDRQCLRIFGSYD
PRRQICVGDRRERKAAFKGDSGGPLLCNNVAHGIVSYGKSSGVPPEVFTRVSSFLPWIRTTMR
;
A,C
2 'polypeptide(L)'
;GSTVQVPYTITVNGTSQNILSNLTFNKNQNISYKDLEGKVKSVLESNRGITDVDLRLSKQAKYTVNFKNGTKKVIDLKSG
IYTANLINSSDIKSININVD
;
B,D
#
loop_
_chem_comp.id
_chem_comp.type
_chem_comp.name
_chem_comp.formula
SO4 non-polymer 'SULFATE ION' 'O4 S -2'
#
# COMPACT_ATOMS: atom_id res chain seq x y z
N ILE A 1 -11.33 -26.75 0.16
CA ILE A 1 -11.79 -26.34 -1.17
C ILE A 1 -12.63 -27.48 -1.72
N ILE A 2 -13.88 -27.20 -2.07
CA ILE A 2 -14.77 -28.21 -2.64
C ILE A 2 -14.83 -27.98 -4.15
N GLY A 3 -14.65 -29.05 -4.92
CA GLY A 3 -14.80 -29.00 -6.36
C GLY A 3 -13.64 -28.36 -7.10
N GLY A 4 -12.47 -28.26 -6.47
CA GLY A 4 -11.33 -27.61 -7.07
C GLY A 4 -10.27 -28.59 -7.55
N ARG A 5 -9.12 -28.05 -7.91
CA ARG A 5 -8.00 -28.88 -8.32
C ARG A 5 -6.77 -28.48 -7.53
N GLU A 6 -5.80 -29.39 -7.44
CA GLU A 6 -4.56 -29.04 -6.77
C GLU A 6 -3.87 -27.90 -7.51
N SER A 7 -3.39 -26.92 -6.74
CA SER A 7 -2.63 -25.82 -7.30
C SER A 7 -1.29 -26.32 -7.85
N ARG A 8 -0.81 -25.66 -8.89
CA ARG A 8 0.57 -25.86 -9.30
C ARG A 8 1.47 -25.45 -8.13
N PRO A 9 2.47 -26.27 -7.78
CA PRO A 9 3.26 -25.97 -6.58
C PRO A 9 3.89 -24.58 -6.65
N HIS A 10 3.71 -23.83 -5.58
CA HIS A 10 4.34 -22.52 -5.40
C HIS A 10 3.85 -21.50 -6.42
N SER A 11 2.71 -21.75 -7.06
CA SER A 11 2.11 -20.79 -7.97
C SER A 11 1.43 -19.64 -7.23
N ARG A 12 1.18 -19.78 -5.92
CA ARG A 12 0.50 -18.76 -5.12
C ARG A 12 1.38 -18.47 -3.92
N PRO A 13 2.45 -17.67 -4.12
CA PRO A 13 3.48 -17.54 -3.08
C PRO A 13 3.07 -16.67 -1.91
N TYR A 14 1.90 -16.06 -1.97
CA TYR A 14 1.38 -15.27 -0.86
C TYR A 14 0.58 -16.11 0.12
N MET A 15 0.36 -17.38 -0.16
CA MET A 15 -0.51 -18.18 0.70
C MET A 15 0.17 -18.46 2.03
N ALA A 16 -0.60 -18.38 3.11
CA ALA A 16 -0.14 -18.60 4.48
C ALA A 16 -1.02 -19.66 5.13
N TYR A 17 -0.39 -20.58 5.83
CA TYR A 17 -1.06 -21.62 6.59
C TYR A 17 -0.91 -21.29 8.07
N LEU A 18 -2.03 -21.21 8.80
CA LEU A 18 -2.02 -20.80 10.20
C LEU A 18 -2.36 -22.00 11.08
N GLN A 19 -1.55 -22.21 12.12
CA GLN A 19 -1.87 -23.13 13.20
C GLN A 19 -2.18 -22.30 14.43
N ILE A 20 -3.36 -22.48 15.01
CA ILE A 20 -3.89 -21.59 16.03
C ILE A 20 -4.12 -22.39 17.31
N GLN A 21 -3.65 -21.84 18.43
CA GLN A 21 -3.91 -22.37 19.76
C GLN A 21 -5.14 -21.70 20.34
N SER A 22 -6.16 -22.50 20.63
CA SER A 22 -7.38 -22.08 21.28
C SER A 22 -7.40 -22.62 22.70
N PRO A 23 -8.28 -22.11 23.56
CA PRO A 23 -8.34 -22.66 24.94
C PRO A 23 -8.65 -24.15 24.99
N ALA A 24 -9.54 -24.66 24.14
CA ALA A 24 -9.96 -26.05 24.23
C ALA A 24 -9.36 -26.94 23.16
N GLY A 25 -8.58 -26.39 22.24
CA GLY A 25 -8.03 -27.20 21.17
C GLY A 25 -7.23 -26.37 20.20
N GLN A 26 -6.98 -26.95 19.03
CA GLN A 26 -6.21 -26.33 17.96
C GLN A 26 -7.10 -26.04 16.76
N SER A 27 -6.80 -24.97 16.05
CA SER A 27 -7.51 -24.65 14.82
C SER A 27 -6.53 -24.50 13.67
N ARG A 28 -7.08 -24.51 12.47
CA ARG A 28 -6.30 -24.30 11.26
C ARG A 28 -7.07 -23.40 10.30
N CYS A 29 -6.35 -22.44 9.70
CA CYS A 29 -6.90 -21.43 8.82
C CYS A 29 -5.90 -21.16 7.71
N GLY A 30 -6.34 -20.44 6.68
CA GLY A 30 -5.45 -19.89 5.70
C GLY A 30 -5.24 -18.40 5.98
N GLY A 31 -4.42 -17.78 5.17
CA GLY A 31 -4.24 -16.34 5.25
C GLY A 31 -3.43 -15.98 4.03
N PHE A 32 -3.11 -14.71 3.90
CA PHE A 32 -2.24 -14.35 2.78
C PHE A 32 -1.34 -13.19 3.18
N LEU A 33 -0.10 -13.25 2.70
CA LEU A 33 0.89 -12.21 2.95
C LEU A 33 0.53 -10.95 2.18
N VAL A 34 0.42 -9.80 2.85
CA VAL A 34 0.20 -8.53 2.17
C VAL A 34 1.38 -7.59 2.28
N ARG A 35 2.36 -7.91 3.11
CA ARG A 35 3.62 -7.18 3.23
C ARG A 35 4.59 -8.14 3.90
N GLU A 36 5.88 -7.84 3.80
CA GLU A 36 6.87 -8.81 4.30
C GLU A 36 6.66 -9.16 5.77
N ASP A 37 5.93 -8.33 6.53
CA ASP A 37 5.75 -8.55 7.95
C ASP A 37 4.29 -8.71 8.35
N PHE A 38 3.36 -8.77 7.40
CA PHE A 38 1.95 -8.82 7.76
C PHE A 38 1.20 -9.86 6.93
N VAL A 39 0.37 -10.62 7.61
CA VAL A 39 -0.54 -11.58 6.99
C VAL A 39 -1.97 -11.13 7.26
N LEU A 40 -2.82 -11.18 6.24
CA LEU A 40 -4.22 -10.85 6.40
C LEU A 40 -5.00 -12.15 6.52
N THR A 41 -5.97 -12.19 7.42
CA THR A 41 -6.75 -13.41 7.62
C THR A 41 -8.11 -13.03 8.21
N ALA A 42 -8.85 -14.02 8.68
CA ALA A 42 -10.17 -13.77 9.26
C ALA A 42 -10.03 -13.62 10.77
N ALA A 43 -10.88 -12.76 11.34
CA ALA A 43 -10.82 -12.50 12.77
C ALA A 43 -11.29 -13.70 13.57
N HIS A 44 -12.15 -14.55 13.00
CA HIS A 44 -12.51 -15.71 13.79
C HIS A 44 -11.40 -16.76 13.83
N CYS A 45 -10.27 -16.52 13.18
CA CYS A 45 -9.09 -17.37 13.30
C CYS A 45 -8.16 -16.92 14.41
N TRP A 46 -8.60 -16.00 15.24
CA TRP A 46 -7.78 -15.49 16.32
C TRP A 46 -7.52 -16.58 17.35
N GLY A 47 -6.35 -16.53 17.96
CA GLY A 47 -6.07 -17.39 19.08
C GLY A 47 -4.90 -16.83 19.85
N SER A 48 -4.63 -17.46 21.00
CA SER A 48 -3.60 -16.96 21.90
C SER A 48 -2.22 -17.05 21.27
N ASN A 49 -1.98 -18.07 20.46
CA ASN A 49 -0.69 -18.28 19.83
C ASN A 49 -0.94 -18.74 18.40
N ILE A 50 -0.24 -18.12 17.44
CA ILE A 50 -0.43 -18.44 16.03
C ILE A 50 0.93 -18.64 15.36
N ASN A 51 1.15 -19.83 14.81
CA ASN A 51 2.33 -20.12 14.00
C ASN A 51 1.94 -20.02 12.54
N VAL A 52 2.75 -19.32 11.75
CA VAL A 52 2.44 -19.06 10.35
C VAL A 52 3.47 -19.77 9.48
N THR A 53 2.99 -20.52 8.48
CA THR A 53 3.87 -21.16 7.51
C THR A 53 3.69 -20.49 6.15
N LEU A 54 4.78 -19.98 5.59
CA LEU A 54 4.81 -19.43 4.24
C LEU A 54 5.63 -20.36 3.35
N GLY A 55 5.39 -20.25 2.04
CA GLY A 55 6.15 -21.02 1.07
C GLY A 55 5.79 -22.48 0.97
N ALA A 56 4.62 -22.86 1.43
CA ALA A 56 4.30 -24.28 1.52
C ALA A 56 3.45 -24.70 0.32
N HIS A 57 3.58 -25.97 -0.05
CA HIS A 57 2.58 -26.61 -0.90
C HIS A 57 1.94 -27.78 -0.18
N ASN A 58 2.75 -28.73 0.27
CA ASN A 58 2.29 -29.84 1.09
C ASN A 58 2.62 -29.47 2.54
N ILE A 59 1.62 -29.04 3.30
CA ILE A 59 1.93 -28.59 4.66
C ILE A 59 2.20 -29.75 5.61
N GLN A 60 1.91 -30.98 5.20
CA GLN A 60 2.23 -32.15 6.01
C GLN A 60 3.65 -32.65 5.76
N ARG A 61 4.29 -32.22 4.68
CA ARG A 61 5.72 -32.42 4.50
C ARG A 61 6.44 -31.15 4.91
N ARG A 62 7.71 -31.29 5.27
CA ARG A 62 8.50 -30.16 5.73
C ARG A 62 9.48 -29.78 4.62
N GLU A 63 8.94 -29.15 3.59
CA GLU A 63 9.69 -28.74 2.41
C GLU A 63 10.71 -27.66 2.75
N ASN A 64 11.85 -27.71 2.06
CA ASN A 64 12.91 -26.71 2.25
C ASN A 64 12.43 -25.30 1.98
N THR A 65 11.39 -25.14 1.16
CA THR A 65 10.89 -23.83 0.77
C THR A 65 10.06 -23.15 1.87
N GLN A 66 9.67 -23.87 2.91
CA GLN A 66 8.77 -23.29 3.91
C GLN A 66 9.53 -22.36 4.85
N GLN A 67 8.86 -21.30 5.28
CA GLN A 67 9.33 -20.41 6.32
C GLN A 67 8.30 -20.40 7.44
N HIS A 68 8.75 -20.71 8.66
CA HIS A 68 7.87 -20.82 9.82
C HIS A 68 8.10 -19.63 10.73
N ILE A 69 7.07 -18.82 10.93
CA ILE A 69 7.19 -17.58 11.67
C ILE A 69 6.00 -17.46 12.63
N THR A 70 6.28 -17.09 13.88
CA THR A 70 5.20 -16.86 14.81
C THR A 70 4.61 -15.47 14.60
N ALA A 71 3.35 -15.31 15.01
CA ALA A 71 2.73 -13.99 14.96
C ALA A 71 3.05 -13.26 16.26
N ARG A 72 3.62 -12.07 16.13
CA ARG A 72 3.91 -11.25 17.29
C ARG A 72 2.63 -10.58 17.79
N ARG A 73 1.77 -10.14 16.86
CA ARG A 73 0.52 -9.51 17.23
C ARG A 73 -0.57 -10.02 16.31
N ALA A 74 -1.76 -10.17 16.85
CA ALA A 74 -2.93 -10.64 16.10
C ALA A 74 -4.04 -9.63 16.34
N ILE A 75 -4.25 -8.75 15.38
CA ILE A 75 -5.05 -7.55 15.56
C ILE A 75 -6.39 -7.79 14.88
N ARG A 76 -7.40 -8.12 15.67
CA ARG A 76 -8.75 -8.24 15.17
C ARG A 76 -9.33 -6.86 14.90
N HIS A 77 -10.19 -6.78 13.88
CA HIS A 77 -10.84 -5.51 13.60
C HIS A 77 -11.67 -5.08 14.80
N PRO A 78 -11.64 -3.80 15.19
CA PRO A 78 -12.28 -3.39 16.47
C PRO A 78 -13.77 -3.66 16.53
N GLN A 79 -14.46 -3.71 15.39
CA GLN A 79 -15.89 -3.98 15.35
C GLN A 79 -16.24 -5.42 14.96
N TYR A 80 -15.26 -6.34 15.03
CA TYR A 80 -15.56 -7.74 14.75
C TYR A 80 -16.69 -8.21 15.64
N ASN A 81 -17.70 -8.84 15.05
CA ASN A 81 -18.86 -9.30 15.79
C ASN A 81 -18.90 -10.82 15.67
N GLN A 82 -18.52 -11.50 16.75
CA GLN A 82 -18.44 -12.95 16.80
C GLN A 82 -19.77 -13.64 16.47
N ARG A 83 -20.88 -13.07 16.95
CA ARG A 83 -22.18 -13.72 16.83
C ARG A 83 -22.63 -13.75 15.38
N THR A 84 -22.60 -12.61 14.70
CA THR A 84 -23.06 -12.49 13.31
C THR A 84 -21.95 -12.69 12.29
N ILE A 85 -20.69 -12.80 12.74
CA ILE A 85 -19.50 -12.91 11.88
C ILE A 85 -19.41 -11.68 11.00
N GLN A 86 -19.56 -10.50 11.61
CA GLN A 86 -19.44 -9.24 10.91
C GLN A 86 -18.05 -8.65 11.16
N ASN A 87 -17.54 -7.91 10.16
CA ASN A 87 -16.21 -7.28 10.22
C ASN A 87 -15.13 -8.33 10.55
N ASP A 88 -15.24 -9.46 9.85
CA ASP A 88 -14.41 -10.64 10.09
C ASP A 88 -13.08 -10.46 9.36
N ILE A 89 -12.18 -9.70 9.98
CA ILE A 89 -10.88 -9.41 9.36
C ILE A 89 -9.88 -9.18 10.48
N MET A 90 -8.67 -9.70 10.25
CA MET A 90 -7.60 -9.68 11.24
C MET A 90 -6.27 -9.53 10.54
N LEU A 91 -5.38 -8.73 11.11
CA LEU A 91 -4.01 -8.62 10.64
C LEU A 91 -3.09 -9.28 11.66
N LEU A 92 -2.16 -10.06 11.16
CA LEU A 92 -1.13 -10.70 11.97
C LEU A 92 0.18 -10.01 11.66
N GLN A 93 0.82 -9.46 12.69
CA GLN A 93 2.15 -8.93 12.52
C GLN A 93 3.12 -10.09 12.73
N LEU A 94 3.99 -10.34 11.76
CA LEU A 94 4.94 -11.43 11.93
C LEU A 94 6.05 -11.00 12.88
N SER A 95 6.59 -11.98 13.61
CA SER A 95 7.62 -11.64 14.59
C SER A 95 8.95 -11.29 13.92
N ARG A 96 9.16 -11.73 12.68
CA ARG A 96 10.25 -11.21 11.85
C ARG A 96 9.74 -11.06 10.42
N ARG A 97 10.48 -10.32 9.61
CA ARG A 97 10.13 -10.19 8.21
C ARG A 97 10.46 -11.47 7.46
N VAL A 98 9.57 -11.87 6.54
CA VAL A 98 9.90 -13.03 5.71
C VAL A 98 11.09 -12.69 4.81
N ARG A 99 11.79 -13.74 4.35
CA ARG A 99 12.80 -13.59 3.32
C ARG A 99 12.11 -13.78 1.98
N ARG A 100 12.15 -12.75 1.15
CA ARG A 100 11.49 -12.79 -0.16
C ARG A 100 12.22 -13.71 -1.12
N ASN A 101 11.45 -14.48 -1.88
CA ASN A 101 11.98 -15.31 -2.95
C ASN A 101 10.82 -15.69 -3.85
N ARG A 102 11.12 -16.50 -4.88
CA ARG A 102 10.09 -16.91 -5.81
C ARG A 102 8.92 -17.62 -5.14
N ASN A 103 9.15 -18.27 -4.00
CA ASN A 103 8.11 -19.03 -3.31
C ASN A 103 7.41 -18.26 -2.21
N VAL A 104 7.90 -17.08 -1.82
CA VAL A 104 7.31 -16.32 -0.71
C VAL A 104 7.31 -14.85 -1.08
N ASN A 105 6.14 -14.28 -1.36
CA ASN A 105 6.07 -12.84 -1.63
C ASN A 105 4.62 -12.37 -1.58
N PRO A 106 4.36 -11.11 -1.25
CA PRO A 106 2.99 -10.70 -0.90
C PRO A 106 2.14 -10.43 -2.13
N VAL A 107 0.83 -10.36 -1.90
CA VAL A 107 -0.12 -10.20 -3.00
C VAL A 107 -0.73 -8.81 -2.93
N ALA A 108 -1.06 -8.27 -4.10
CA ALA A 108 -1.60 -6.91 -4.18
C ALA A 108 -2.98 -6.82 -3.51
N LEU A 109 -3.23 -5.67 -2.83
CA LEU A 109 -4.55 -5.32 -2.31
C LEU A 109 -5.29 -4.39 -3.29
N PRO A 110 -6.60 -4.25 -3.13
CA PRO A 110 -7.36 -3.48 -4.12
C PRO A 110 -6.96 -2.00 -4.15
N ARG A 111 -7.12 -1.40 -5.33
CA ARG A 111 -7.20 0.06 -5.43
C ARG A 111 -8.42 0.54 -4.64
N ALA A 112 -8.67 1.84 -4.64
CA ALA A 112 -9.51 2.44 -3.62
C ALA A 112 -10.96 1.99 -3.73
N GLN A 113 -11.47 1.44 -2.62
CA GLN A 113 -12.92 1.34 -2.34
C GLN A 113 -13.72 0.74 -3.49
N GLU A 114 -13.21 -0.34 -4.05
CA GLU A 114 -13.78 -0.95 -5.24
C GLU A 114 -14.97 -1.84 -4.88
N GLY A 115 -16.03 -1.76 -5.69
CA GLY A 115 -17.07 -2.75 -5.68
C GLY A 115 -16.68 -3.96 -6.51
N LEU A 116 -17.60 -4.92 -6.60
CA LEU A 116 -17.32 -6.12 -7.38
C LEU A 116 -18.58 -6.53 -8.12
N ARG A 117 -18.55 -6.42 -9.44
CA ARG A 117 -19.73 -6.66 -10.25
C ARG A 117 -20.11 -8.14 -10.22
N PRO A 118 -21.40 -8.48 -10.14
CA PRO A 118 -21.79 -9.88 -10.25
C PRO A 118 -21.35 -10.47 -11.58
N GLY A 119 -21.06 -11.77 -11.57
CA GLY A 119 -20.53 -12.43 -12.73
C GLY A 119 -19.02 -12.40 -12.85
N THR A 120 -18.34 -11.57 -12.06
CA THR A 120 -16.89 -11.55 -12.05
C THR A 120 -16.35 -12.91 -11.61
N LEU A 121 -15.29 -13.37 -12.27
CA LEU A 121 -14.62 -14.62 -11.93
C LEU A 121 -13.49 -14.34 -10.93
N CYS A 122 -13.46 -15.12 -9.85
CA CYS A 122 -12.42 -14.97 -8.83
C CYS A 122 -11.99 -16.34 -8.35
N THR A 123 -10.74 -16.44 -7.92
CA THR A 123 -10.16 -17.71 -7.50
C THR A 123 -9.92 -17.73 -5.98
N VAL A 124 -10.26 -18.84 -5.34
CA VAL A 124 -9.95 -19.02 -3.93
C VAL A 124 -9.03 -20.23 -3.78
N ALA A 125 -8.08 -20.15 -2.85
CA ALA A 125 -7.11 -21.21 -2.62
C ALA A 125 -7.06 -21.55 -1.13
N GLY A 126 -6.76 -22.81 -0.82
CA GLY A 126 -6.70 -23.19 0.59
C GLY A 126 -6.34 -24.63 0.80
N TRP A 127 -6.08 -24.96 2.07
CA TRP A 127 -5.79 -26.31 2.52
C TRP A 127 -6.95 -26.94 3.27
N GLY A 128 -8.17 -26.43 3.08
CA GLY A 128 -9.31 -26.94 3.83
C GLY A 128 -9.77 -28.29 3.34
N ARG A 129 -10.77 -28.83 4.06
CA ARG A 129 -11.37 -30.10 3.65
C ARG A 129 -12.00 -29.98 2.26
N VAL A 130 -12.00 -31.10 1.53
CA VAL A 130 -12.58 -31.17 0.19
C VAL A 130 -14.01 -31.70 0.19
N SER A 131 -14.45 -32.32 1.27
CA SER A 131 -15.81 -32.84 1.40
C SER A 131 -16.05 -33.13 2.88
N MET A 132 -17.24 -33.66 3.18
CA MET A 132 -17.51 -34.09 4.54
C MET A 132 -16.61 -35.23 4.98
N ARG A 133 -15.96 -35.93 4.06
CA ARG A 133 -15.27 -37.17 4.38
C ARG A 133 -13.75 -37.09 4.36
N ARG A 134 -13.14 -36.22 3.55
CA ARG A 134 -11.68 -36.13 3.58
C ARG A 134 -11.21 -34.71 3.36
N GLY A 135 -9.92 -34.50 3.62
CA GLY A 135 -9.28 -33.22 3.41
C GLY A 135 -8.16 -33.32 2.39
N THR A 136 -7.18 -32.44 2.51
CA THR A 136 -6.04 -32.43 1.60
C THR A 136 -4.80 -31.98 2.36
N ASP A 137 -3.65 -32.53 1.98
CA ASP A 137 -2.38 -32.05 2.48
C ASP A 137 -1.75 -30.98 1.59
N THR A 138 -2.23 -30.82 0.36
CA THR A 138 -1.63 -29.87 -0.57
C THR A 138 -2.63 -28.78 -0.92
N LEU A 139 -2.08 -27.64 -1.34
CA LEU A 139 -2.89 -26.48 -1.65
C LEU A 139 -3.78 -26.75 -2.85
N ARG A 140 -5.06 -26.42 -2.73
CA ARG A 140 -6.01 -26.53 -3.82
C ARG A 140 -6.65 -25.17 -4.09
N GLU A 141 -7.35 -25.09 -5.22
CA GLU A 141 -7.89 -23.83 -5.70
C GLU A 141 -9.07 -24.12 -6.61
N VAL A 142 -9.95 -23.12 -6.76
CA VAL A 142 -11.14 -23.29 -7.59
C VAL A 142 -11.60 -21.91 -8.02
N GLN A 143 -12.16 -21.81 -9.21
CA GLN A 143 -12.64 -20.51 -9.69
C GLN A 143 -14.14 -20.42 -9.45
N LEU A 144 -14.57 -19.30 -8.90
CA LEU A 144 -15.95 -19.09 -8.47
C LEU A 144 -16.46 -17.81 -9.12
N ARG A 145 -17.77 -17.61 -9.04
CA ARG A 145 -18.42 -16.46 -9.69
C ARG A 145 -19.10 -15.62 -8.63
N VAL A 146 -18.84 -14.30 -8.67
CA VAL A 146 -19.49 -13.38 -7.76
C VAL A 146 -20.98 -13.35 -8.06
N GLN A 147 -21.79 -13.50 -7.02
CA GLN A 147 -23.23 -13.55 -7.15
C GLN A 147 -23.83 -12.17 -6.92
N ARG A 148 -25.00 -11.97 -7.52
CA ARG A 148 -25.84 -10.85 -7.13
C ARG A 148 -26.18 -10.96 -5.64
N ASP A 149 -26.31 -9.80 -4.98
CA ASP A 149 -26.43 -9.83 -3.52
C ASP A 149 -27.63 -10.64 -3.05
N ARG A 150 -28.67 -10.78 -3.88
CA ARG A 150 -29.87 -11.49 -3.45
C ARG A 150 -29.59 -12.95 -3.10
N GLN A 151 -28.59 -13.57 -3.72
CA GLN A 151 -28.33 -14.99 -3.46
C GLN A 151 -27.95 -15.22 -2.00
N CYS A 152 -27.25 -14.28 -1.36
CA CYS A 152 -26.89 -14.45 0.03
C CYS A 152 -27.89 -13.80 0.98
N LEU A 153 -28.58 -12.75 0.53
CA LEU A 153 -29.61 -12.12 1.37
C LEU A 153 -30.77 -13.07 1.66
N ARG A 154 -31.06 -14.01 0.76
CA ARG A 154 -32.12 -14.99 0.98
C ARG A 154 -31.71 -16.12 1.90
N ILE A 155 -30.40 -16.31 2.09
CA ILE A 155 -29.85 -17.53 2.67
C ILE A 155 -29.19 -17.26 4.02
N PHE A 156 -28.55 -16.09 4.18
CA PHE A 156 -27.77 -15.75 5.37
C PHE A 156 -28.37 -14.50 5.98
N GLY A 157 -28.75 -14.60 7.26
CA GLY A 157 -29.55 -13.56 7.89
C GLY A 157 -28.82 -12.27 8.20
N SER A 158 -27.49 -12.30 8.33
CA SER A 158 -26.72 -11.11 8.70
C SER A 158 -25.74 -10.68 7.61
N TYR A 159 -25.97 -11.10 6.37
CA TYR A 159 -25.09 -10.70 5.28
C TYR A 159 -25.27 -9.23 4.97
N ASP A 160 -24.16 -8.49 4.90
CA ASP A 160 -24.13 -7.06 4.63
C ASP A 160 -23.34 -6.82 3.36
N PRO A 161 -23.97 -6.37 2.27
CA PRO A 161 -23.25 -6.23 1.00
C PRO A 161 -22.24 -5.09 0.99
N ARG A 162 -22.34 -4.14 1.92
CA ARG A 162 -21.35 -3.08 2.00
C ARG A 162 -19.98 -3.65 2.35
N ARG A 163 -19.94 -4.66 3.21
CA ARG A 163 -18.68 -5.17 3.75
C ARG A 163 -18.43 -6.63 3.45
N GLN A 164 -19.30 -7.28 2.68
CA GLN A 164 -19.17 -8.71 2.40
C GLN A 164 -19.53 -8.97 0.95
N ILE A 165 -18.98 -10.07 0.42
CA ILE A 165 -19.18 -10.48 -0.96
C ILE A 165 -19.91 -11.81 -0.95
N CYS A 166 -20.86 -11.96 -1.87
CA CYS A 166 -21.60 -13.19 -2.06
C CYS A 166 -20.98 -13.92 -3.24
N VAL A 167 -20.56 -15.15 -3.02
CA VAL A 167 -19.67 -15.85 -3.95
C VAL A 167 -20.12 -17.29 -4.14
N GLY A 168 -20.24 -17.72 -5.39
CA GLY A 168 -20.41 -19.13 -5.66
C GLY A 168 -21.78 -19.43 -6.23
N ASP A 169 -21.80 -19.97 -7.46
CA ASP A 169 -23.04 -20.40 -8.07
C ASP A 169 -23.54 -21.67 -7.39
N ARG A 170 -24.83 -21.67 -7.05
CA ARG A 170 -25.41 -22.83 -6.36
C ARG A 170 -25.26 -24.09 -7.19
N ARG A 171 -25.55 -24.00 -8.50
CA ARG A 171 -25.61 -25.20 -9.32
C ARG A 171 -24.28 -25.95 -9.34
N GLU A 172 -23.18 -25.22 -9.47
CA GLU A 172 -21.87 -25.86 -9.35
C GLU A 172 -21.58 -26.22 -7.91
N ARG A 173 -20.98 -27.37 -7.69
CA ARG A 173 -20.50 -27.73 -6.35
C ARG A 173 -19.06 -27.24 -6.17
N LYS A 174 -18.90 -25.92 -6.18
CA LYS A 174 -17.60 -25.29 -6.01
C LYS A 174 -17.69 -24.33 -4.84
N ALA A 175 -16.81 -24.49 -3.85
CA ALA A 175 -16.82 -23.57 -2.73
C ALA A 175 -15.55 -23.74 -1.91
N ALA A 176 -15.29 -22.76 -1.05
CA ALA A 176 -14.37 -22.94 0.06
C ALA A 176 -15.07 -23.71 1.19
N PHE A 177 -14.28 -24.43 1.99
CA PHE A 177 -14.85 -25.26 3.04
C PHE A 177 -13.96 -25.18 4.29
N LYS A 178 -14.13 -26.13 5.22
CA LYS A 178 -13.55 -25.99 6.55
C LYS A 178 -12.03 -26.05 6.49
N GLY A 179 -11.38 -25.02 7.02
CA GLY A 179 -9.96 -24.87 6.91
C GLY A 179 -9.55 -23.78 5.94
N ASP A 180 -10.48 -23.32 5.11
CA ASP A 180 -10.16 -22.32 4.11
C ASP A 180 -10.33 -20.89 4.62
N SER A 181 -10.95 -20.71 5.79
CA SER A 181 -11.11 -19.38 6.39
C SER A 181 -9.81 -18.60 6.33
N GLY A 182 -9.94 -17.30 6.05
CA GLY A 182 -8.81 -16.41 6.01
C GLY A 182 -8.08 -16.41 4.70
N GLY A 183 -8.33 -17.39 3.82
CA GLY A 183 -7.73 -17.41 2.51
C GLY A 183 -8.25 -16.31 1.61
N PRO A 184 -7.50 -15.98 0.58
CA PRO A 184 -7.86 -14.85 -0.30
C PRO A 184 -8.83 -15.24 -1.40
N LEU A 185 -9.62 -14.26 -1.81
CA LEU A 185 -10.40 -14.34 -3.04
C LEU A 185 -9.72 -13.39 -4.02
N LEU A 186 -9.15 -13.94 -5.08
CA LEU A 186 -8.32 -13.18 -6.02
C LEU A 186 -9.10 -12.97 -7.31
N CYS A 187 -9.20 -11.71 -7.72
CA CYS A 187 -9.85 -11.35 -8.98
C CYS A 187 -8.82 -10.57 -9.78
N ASN A 188 -8.40 -11.15 -10.91
CA ASN A 188 -7.30 -10.59 -11.70
C ASN A 188 -6.10 -10.28 -10.81
N ASN A 189 -5.74 -11.26 -9.96
CA ASN A 189 -4.49 -11.24 -9.21
C ASN A 189 -4.48 -10.24 -8.07
N VAL A 190 -5.65 -9.73 -7.66
CA VAL A 190 -5.78 -8.81 -6.53
C VAL A 190 -6.68 -9.45 -5.50
N ALA A 191 -6.28 -9.38 -4.23
CA ALA A 191 -7.01 -9.98 -3.11
C ALA A 191 -8.18 -9.08 -2.74
N HIS A 192 -9.39 -9.44 -3.18
CA HIS A 192 -10.59 -8.65 -2.90
C HIS A 192 -11.45 -9.22 -1.78
N GLY A 193 -11.21 -10.45 -1.35
CA GLY A 193 -12.08 -11.06 -0.37
C GLY A 193 -11.27 -11.96 0.53
N ILE A 194 -11.88 -12.26 1.68
CA ILE A 194 -11.32 -13.16 2.66
C ILE A 194 -12.36 -14.23 2.95
N VAL A 195 -11.97 -15.49 2.83
CA VAL A 195 -12.89 -16.57 3.18
C VAL A 195 -13.42 -16.38 4.58
N SER A 196 -14.75 -16.33 4.72
CA SER A 196 -15.39 -16.13 6.03
C SER A 196 -16.30 -17.28 6.40
N TYR A 197 -17.49 -17.40 5.81
CA TYR A 197 -18.42 -18.40 6.30
C TYR A 197 -19.38 -18.85 5.21
N GLY A 198 -20.11 -19.93 5.51
CA GLY A 198 -21.12 -20.42 4.62
C GLY A 198 -22.10 -21.31 5.34
N LYS A 199 -22.76 -22.17 4.56
CA LYS A 199 -23.63 -23.21 5.12
C LYS A 199 -22.80 -24.38 5.65
N SER A 200 -23.32 -25.01 6.70
CA SER A 200 -22.63 -26.15 7.29
C SER A 200 -22.36 -27.24 6.26
N SER A 201 -23.18 -27.32 5.23
CA SER A 201 -23.06 -28.33 4.18
C SER A 201 -22.02 -27.99 3.12
N GLY A 202 -21.55 -26.74 3.06
CA GLY A 202 -20.60 -26.34 2.04
C GLY A 202 -21.20 -26.04 0.68
N VAL A 203 -22.51 -26.17 0.52
CA VAL A 203 -23.16 -25.81 -0.75
C VAL A 203 -23.05 -24.30 -0.95
N PRO A 204 -22.66 -23.82 -2.13
CA PRO A 204 -22.62 -22.38 -2.36
C PRO A 204 -24.02 -21.79 -2.33
N PRO A 205 -24.17 -20.46 -2.22
CA PRO A 205 -23.13 -19.43 -2.14
C PRO A 205 -22.55 -19.31 -0.74
N GLU A 206 -21.44 -18.59 -0.62
CA GLU A 206 -20.82 -18.35 0.66
C GLU A 206 -20.45 -16.87 0.78
N VAL A 207 -20.03 -16.47 1.97
CA VAL A 207 -19.79 -15.06 2.27
C VAL A 207 -18.30 -14.83 2.52
N PHE A 208 -17.77 -13.79 1.89
CA PHE A 208 -16.39 -13.39 1.99
C PHE A 208 -16.35 -12.00 2.58
N THR A 209 -15.35 -11.72 3.40
CA THR A 209 -15.13 -10.34 3.84
C THR A 209 -14.66 -9.51 2.66
N ARG A 210 -15.23 -8.32 2.48
CA ARG A 210 -14.89 -7.50 1.32
C ARG A 210 -13.68 -6.65 1.70
N VAL A 211 -12.51 -6.99 1.14
CA VAL A 211 -11.26 -6.38 1.60
C VAL A 211 -11.28 -4.87 1.37
N SER A 212 -11.82 -4.43 0.23
CA SER A 212 -11.77 -3.01 -0.10
C SER A 212 -12.50 -2.16 0.93
N SER A 213 -13.51 -2.73 1.60
CA SER A 213 -14.22 -2.01 2.66
C SER A 213 -13.33 -1.73 3.87
N PHE A 214 -12.17 -2.36 3.98
CA PHE A 214 -11.34 -2.24 5.16
C PHE A 214 -9.98 -1.65 4.85
N LEU A 215 -9.79 -1.10 3.64
CA LEU A 215 -8.49 -0.60 3.22
C LEU A 215 -7.93 0.46 4.16
N PRO A 216 -8.70 1.48 4.57
CA PRO A 216 -8.13 2.46 5.52
C PRO A 216 -7.62 1.83 6.80
N TRP A 217 -8.43 0.96 7.41
CA TRP A 217 -8.01 0.30 8.64
C TRP A 217 -6.79 -0.59 8.40
N ILE A 218 -6.74 -1.29 7.27
CA ILE A 218 -5.60 -2.15 7.03
C ILE A 218 -4.33 -1.32 6.89
N ARG A 219 -4.42 -0.22 6.13
CA ARG A 219 -3.24 0.62 5.92
C ARG A 219 -2.78 1.28 7.22
N THR A 220 -3.73 1.76 8.03
CA THR A 220 -3.40 2.39 9.31
C THR A 220 -2.74 1.40 10.27
N THR A 221 -3.31 0.19 10.39
CA THR A 221 -2.76 -0.78 11.32
C THR A 221 -1.34 -1.18 10.95
N MET A 222 -1.03 -1.26 9.66
CA MET A 222 0.31 -1.64 9.24
C MET A 222 1.31 -0.50 9.38
N ARG A 223 0.84 0.72 9.48
CA ARG A 223 1.73 1.87 9.46
C ARG A 223 2.09 2.32 10.86
N ILE B 1 15.39 24.54 0.44
CA ILE B 1 14.54 24.86 1.59
C ILE B 1 14.90 26.26 2.07
N ILE B 2 13.91 27.17 2.08
CA ILE B 2 14.10 28.55 2.54
C ILE B 2 13.57 28.66 3.97
N GLY B 3 14.37 29.25 4.85
CA GLY B 3 13.93 29.53 6.20
C GLY B 3 13.92 28.35 7.14
N GLY B 4 14.54 27.23 6.74
CA GLY B 4 14.52 26.02 7.54
C GLY B 4 15.78 25.83 8.37
N ARG B 5 15.88 24.64 8.98
CA ARG B 5 17.02 24.26 9.78
C ARG B 5 17.60 22.95 9.22
N GLU B 6 18.86 22.70 9.54
CA GLU B 6 19.42 21.40 9.19
C GLU B 6 18.68 20.30 9.92
N SER B 7 18.40 19.21 9.22
CA SER B 7 17.77 18.07 9.85
C SER B 7 18.78 17.33 10.73
N ARG B 8 18.26 16.68 11.77
CA ARG B 8 19.05 15.69 12.49
C ARG B 8 19.48 14.60 11.51
N PRO B 9 20.75 14.21 11.51
CA PRO B 9 21.23 13.27 10.48
C PRO B 9 20.47 11.95 10.52
N HIS B 10 19.94 11.56 9.36
CA HIS B 10 19.27 10.28 9.17
C HIS B 10 17.93 10.21 9.91
N SER B 11 17.39 11.36 10.30
CA SER B 11 16.09 11.39 10.96
C SER B 11 14.94 11.24 9.97
N ARG B 12 15.20 11.27 8.66
CA ARG B 12 14.17 11.15 7.63
C ARG B 12 14.67 10.13 6.62
N PRO B 13 14.61 8.84 6.98
CA PRO B 13 15.33 7.81 6.21
C PRO B 13 14.67 7.47 4.90
N TYR B 14 13.51 8.04 4.60
CA TYR B 14 12.85 7.87 3.32
C TYR B 14 13.34 8.87 2.27
N MET B 15 14.13 9.86 2.65
CA MET B 15 14.52 10.90 1.68
C MET B 15 15.47 10.34 0.64
N ALA B 16 15.23 10.70 -0.62
CA ALA B 16 16.06 10.31 -1.75
C ALA B 16 16.58 11.56 -2.45
N TYR B 17 17.81 11.48 -2.93
CA TYR B 17 18.43 12.53 -3.71
C TYR B 17 18.61 12.01 -5.13
N LEU B 18 18.14 12.77 -6.12
CA LEU B 18 18.15 12.32 -7.50
C LEU B 18 19.12 13.16 -8.29
N GLN B 19 19.96 12.51 -9.09
CA GLN B 19 20.80 13.14 -10.11
C GLN B 19 20.24 12.74 -11.45
N ILE B 20 19.86 13.73 -12.26
CA ILE B 20 19.11 13.50 -13.48
C ILE B 20 19.93 13.99 -14.67
N GLN B 21 19.96 13.18 -15.72
CA GLN B 21 20.60 13.57 -16.97
C GLN B 21 19.54 14.07 -17.94
N SER B 22 19.76 15.25 -18.49
CA SER B 22 18.88 15.80 -19.50
C SER B 22 19.69 15.99 -20.78
N PRO B 23 19.06 16.29 -21.91
CA PRO B 23 19.86 16.53 -23.13
C PRO B 23 20.79 17.73 -23.00
N ALA B 24 20.33 18.79 -22.36
CA ALA B 24 21.10 20.02 -22.27
C ALA B 24 22.01 20.09 -21.05
N GLY B 25 21.79 19.24 -20.05
CA GLY B 25 22.57 19.33 -18.82
C GLY B 25 22.11 18.36 -17.76
N GLN B 26 22.44 18.69 -16.52
CA GLN B 26 22.15 17.85 -15.36
C GLN B 26 21.19 18.57 -14.43
N SER B 27 20.32 17.81 -13.77
CA SER B 27 19.38 18.41 -12.83
C SER B 27 19.47 17.67 -11.51
N ARG B 28 18.96 18.31 -10.45
CA ARG B 28 18.89 17.70 -9.12
C ARG B 28 17.48 17.86 -8.56
N CYS B 29 16.99 16.80 -7.92
CA CYS B 29 15.66 16.77 -7.34
C CYS B 29 15.70 15.97 -6.06
N GLY B 30 14.61 16.05 -5.30
CA GLY B 30 14.39 15.16 -4.19
C GLY B 30 13.43 14.05 -4.62
N GLY B 31 13.16 13.16 -3.68
CA GLY B 31 12.14 12.15 -3.86
C GLY B 31 12.01 11.46 -2.53
N PHE B 32 11.14 10.46 -2.49
CA PHE B 32 11.02 9.73 -1.24
C PHE B 32 10.66 8.28 -1.54
N LEU B 33 11.22 7.40 -0.72
CA LEU B 33 11.02 5.96 -0.87
C LEU B 33 9.65 5.59 -0.36
N VAL B 34 8.85 4.92 -1.21
CA VAL B 34 7.53 4.46 -0.78
C VAL B 34 7.44 2.95 -0.71
N ARG B 35 8.41 2.24 -1.24
CA ARG B 35 8.57 0.80 -1.09
C ARG B 35 10.06 0.51 -1.32
N GLU B 36 10.48 -0.72 -1.02
CA GLU B 36 11.90 -1.02 -1.16
C GLU B 36 12.38 -0.85 -2.60
N ASP B 37 11.49 -0.84 -3.58
CA ASP B 37 11.89 -0.74 -4.97
C ASP B 37 11.27 0.44 -5.70
N PHE B 38 10.69 1.40 -5.00
CA PHE B 38 10.00 2.50 -5.67
C PHE B 38 10.25 3.79 -4.92
N VAL B 39 10.57 4.82 -5.67
CA VAL B 39 10.72 6.19 -5.16
C VAL B 39 9.67 7.07 -5.82
N LEU B 40 9.02 7.93 -5.04
CA LEU B 40 8.03 8.84 -5.59
C LEU B 40 8.68 10.20 -5.74
N THR B 41 8.37 10.90 -6.82
CA THR B 41 8.96 12.19 -7.08
C THR B 41 8.06 12.94 -8.05
N ALA B 42 8.54 14.08 -8.54
CA ALA B 42 7.78 14.90 -9.48
C ALA B 42 8.07 14.47 -10.92
N ALA B 43 7.06 14.59 -11.78
CA ALA B 43 7.25 14.24 -13.18
C ALA B 43 8.22 15.20 -13.87
N HIS B 44 8.33 16.43 -13.42
CA HIS B 44 9.27 17.29 -14.10
C HIS B 44 10.72 17.00 -13.73
N CYS B 45 10.96 16.03 -12.85
CA CYS B 45 12.31 15.55 -12.57
C CYS B 45 12.72 14.40 -13.49
N TRP B 46 11.92 14.10 -14.51
CA TRP B 46 12.23 13.00 -15.39
C TRP B 46 13.46 13.32 -16.22
N GLY B 47 14.22 12.28 -16.59
CA GLY B 47 15.30 12.45 -17.54
C GLY B 47 15.76 11.09 -18.02
N SER B 48 16.81 11.10 -18.85
CA SER B 48 17.16 9.88 -19.58
C SER B 48 17.79 8.83 -18.68
N ASN B 49 18.54 9.26 -17.68
CA ASN B 49 19.14 8.39 -16.68
C ASN B 49 19.01 9.09 -15.34
N ILE B 50 18.65 8.34 -14.30
CA ILE B 50 18.44 8.92 -12.98
C ILE B 50 19.20 8.06 -11.98
N ASN B 51 20.11 8.68 -11.22
CA ASN B 51 20.83 8.04 -10.13
C ASN B 51 20.17 8.46 -8.83
N VAL B 52 19.80 7.48 -8.01
CA VAL B 52 19.09 7.72 -6.76
C VAL B 52 20.05 7.47 -5.59
N THR B 53 20.16 8.44 -4.69
CA THR B 53 20.97 8.25 -3.49
C THR B 53 20.05 8.18 -2.27
N LEU B 54 20.12 7.08 -1.53
CA LEU B 54 19.37 6.90 -0.30
C LEU B 54 20.33 6.92 0.89
N GLY B 55 19.78 7.20 2.07
CA GLY B 55 20.55 7.21 3.29
C GLY B 55 21.54 8.33 3.41
N ALA B 56 21.35 9.40 2.66
CA ALA B 56 22.30 10.51 2.69
C ALA B 56 21.89 11.54 3.74
N HIS B 57 22.90 12.23 4.27
CA HIS B 57 22.67 13.50 4.94
C HIS B 57 23.46 14.61 4.26
N ASN B 58 24.78 14.54 4.28
CA ASN B 58 25.64 15.37 3.44
C ASN B 58 25.87 14.64 2.13
N ILE B 59 25.18 15.06 1.06
CA ILE B 59 25.31 14.34 -0.21
C ILE B 59 26.59 14.68 -0.95
N GLN B 60 27.36 15.64 -0.46
CA GLN B 60 28.66 15.93 -1.05
C GLN B 60 29.78 15.08 -0.47
N ARG B 61 29.51 14.28 0.57
CA ARG B 61 30.51 13.39 1.16
C ARG B 61 30.11 11.94 0.92
N ARG B 62 31.11 11.09 0.74
CA ARG B 62 30.90 9.66 0.50
C ARG B 62 30.62 8.97 1.83
N GLU B 63 29.38 9.14 2.32
CA GLU B 63 28.99 8.58 3.60
C GLU B 63 28.78 7.07 3.52
N ASN B 64 29.25 6.38 4.56
CA ASN B 64 29.10 4.93 4.65
C ASN B 64 27.64 4.49 4.54
N THR B 65 26.71 5.32 5.03
CA THR B 65 25.30 4.98 5.07
C THR B 65 24.59 5.14 3.72
N GLN B 66 25.25 5.69 2.71
CA GLN B 66 24.57 5.96 1.46
C GLN B 66 24.41 4.70 0.61
N GLN B 67 23.27 4.59 -0.06
CA GLN B 67 23.05 3.58 -1.09
C GLN B 67 22.79 4.29 -2.42
N HIS B 68 23.54 3.93 -3.46
CA HIS B 68 23.38 4.50 -4.79
C HIS B 68 22.77 3.46 -5.71
N ILE B 69 21.61 3.78 -6.27
CA ILE B 69 20.86 2.88 -7.14
C ILE B 69 20.37 3.65 -8.36
N THR B 70 20.50 3.06 -9.53
CA THR B 70 19.93 3.68 -10.72
C THR B 70 18.44 3.38 -10.83
N ALA B 71 17.71 4.26 -11.49
CA ALA B 71 16.31 3.97 -11.78
C ALA B 71 16.23 3.07 -13.00
N ARG B 72 15.60 1.91 -12.85
CA ARG B 72 15.31 1.04 -13.98
C ARG B 72 14.23 1.62 -14.87
N ARG B 73 13.20 2.22 -14.26
CA ARG B 73 12.13 2.85 -15.01
C ARG B 73 11.78 4.16 -14.33
N ALA B 74 11.43 5.17 -15.12
CA ALA B 74 10.97 6.47 -14.64
C ALA B 74 9.60 6.69 -15.27
N ILE B 75 8.54 6.43 -14.50
CA ILE B 75 7.18 6.38 -15.01
C ILE B 75 6.47 7.67 -14.65
N ARG B 76 6.33 8.56 -15.64
CA ARG B 76 5.57 9.79 -15.51
C ARG B 76 4.07 9.50 -15.56
N HIS B 77 3.30 10.28 -14.80
CA HIS B 77 1.86 10.13 -14.87
C HIS B 77 1.40 10.35 -16.31
N PRO B 78 0.50 9.51 -16.83
CA PRO B 78 0.14 9.60 -18.26
C PRO B 78 -0.43 10.94 -18.66
N GLN B 79 -1.09 11.65 -17.75
CA GLN B 79 -1.66 12.95 -18.09
C GLN B 79 -0.80 14.11 -17.59
N TYR B 80 0.49 13.86 -17.32
CA TYR B 80 1.36 14.95 -16.91
C TYR B 80 1.37 16.04 -17.98
N ASN B 81 1.08 17.27 -17.56
CA ASN B 81 1.09 18.43 -18.47
C ASN B 81 2.29 19.29 -18.13
N GLN B 82 3.29 19.24 -19.01
CA GLN B 82 4.52 20.01 -18.85
C GLN B 82 4.25 21.51 -18.76
N ARG B 83 3.34 22.00 -19.60
CA ARG B 83 3.16 23.44 -19.74
C ARG B 83 2.52 24.07 -18.50
N THR B 84 1.53 23.38 -17.93
CA THR B 84 0.79 23.89 -16.76
C THR B 84 1.26 23.27 -15.44
N ILE B 85 2.16 22.30 -15.50
CA ILE B 85 2.68 21.55 -14.35
C ILE B 85 1.55 20.86 -13.62
N GLN B 86 0.65 20.20 -14.37
CA GLN B 86 -0.45 19.44 -13.80
C GLN B 86 -0.16 17.95 -13.81
N ASN B 87 -0.74 17.23 -12.85
CA ASN B 87 -0.51 15.78 -12.70
C ASN B 87 0.99 15.48 -12.62
N ASP B 88 1.68 16.29 -11.83
CA ASP B 88 3.15 16.31 -11.78
C ASP B 88 3.60 15.29 -10.73
N ILE B 89 3.63 14.03 -11.14
CA ILE B 89 3.97 12.93 -10.25
C ILE B 89 4.61 11.83 -11.06
N MET B 90 5.60 11.17 -10.47
CA MET B 90 6.38 10.17 -11.19
C MET B 90 6.85 9.11 -10.22
N LEU B 91 6.82 7.86 -10.67
CA LEU B 91 7.37 6.77 -9.91
C LEU B 91 8.67 6.33 -10.56
N LEU B 92 9.67 6.09 -9.75
CA LEU B 92 10.94 5.54 -10.21
C LEU B 92 11.03 4.11 -9.72
N GLN B 93 11.17 3.15 -10.62
CA GLN B 93 11.40 1.80 -10.17
C GLN B 93 12.91 1.64 -10.05
N LEU B 94 13.38 1.26 -8.87
CA LEU B 94 14.81 1.08 -8.66
C LEU B 94 15.31 -0.18 -9.36
N SER B 95 16.57 -0.12 -9.84
CA SER B 95 17.12 -1.29 -10.52
C SER B 95 17.44 -2.43 -9.58
N ARG B 96 17.51 -2.17 -8.28
CA ARG B 96 17.53 -3.22 -7.27
C ARG B 96 16.86 -2.68 -6.02
N ARG B 97 16.40 -3.59 -5.16
CA ARG B 97 15.79 -3.17 -3.90
C ARG B 97 16.82 -2.52 -2.99
N VAL B 98 16.38 -1.53 -2.21
CA VAL B 98 17.29 -1.00 -1.20
C VAL B 98 17.51 -2.05 -0.11
N ARG B 99 18.63 -1.92 0.61
CA ARG B 99 18.87 -2.68 1.82
C ARG B 99 18.31 -1.91 3.01
N ARG B 100 17.34 -2.52 3.73
CA ARG B 100 16.67 -1.86 4.85
C ARG B 100 17.60 -1.72 6.06
N ASN B 101 17.62 -0.54 6.66
CA ASN B 101 18.32 -0.29 7.92
C ASN B 101 17.77 0.99 8.54
N ARG B 102 18.41 1.44 9.64
CA ARG B 102 17.96 2.64 10.35
C ARG B 102 17.97 3.87 9.45
N ASN B 103 18.82 3.87 8.42
CA ASN B 103 19.04 5.05 7.62
C ASN B 103 18.26 5.05 6.32
N VAL B 104 17.57 3.94 6.00
CA VAL B 104 16.90 3.79 4.71
C VAL B 104 15.65 2.95 4.95
N ASN B 105 14.48 3.58 4.88
CA ASN B 105 13.24 2.83 4.91
C ASN B 105 12.11 3.75 4.46
N PRO B 106 11.02 3.18 3.93
CA PRO B 106 10.03 3.98 3.20
C PRO B 106 9.07 4.70 4.14
N VAL B 107 8.32 5.63 3.55
CA VAL B 107 7.41 6.47 4.32
C VAL B 107 6.00 6.07 3.96
N ALA B 108 5.10 6.22 4.92
CA ALA B 108 3.70 5.87 4.71
C ALA B 108 3.03 6.82 3.72
N LEU B 109 2.16 6.24 2.85
CA LEU B 109 1.27 6.99 1.97
C LEU B 109 -0.08 7.24 2.62
N PRO B 110 -0.86 8.17 2.09
CA PRO B 110 -2.14 8.50 2.71
C PRO B 110 -3.13 7.34 2.63
N ARG B 111 -4.06 7.31 3.60
CA ARG B 111 -5.31 6.57 3.47
C ARG B 111 -6.16 7.13 2.32
N ALA B 112 -7.33 6.54 2.13
CA ALA B 112 -8.06 6.68 0.87
C ALA B 112 -8.53 8.10 0.64
N GLN B 113 -8.17 8.66 -0.52
CA GLN B 113 -8.70 9.90 -1.08
C GLN B 113 -9.01 10.94 -0.02
N GLU B 114 -7.99 11.53 0.58
CA GLU B 114 -8.14 12.41 1.73
C GLU B 114 -7.80 13.85 1.36
N GLY B 115 -8.66 14.76 1.78
CA GLY B 115 -8.30 16.16 1.77
C GLY B 115 -7.44 16.53 2.95
N LEU B 116 -6.89 17.73 2.89
CA LEU B 116 -5.96 18.22 3.90
C LEU B 116 -6.47 19.57 4.36
N ARG B 117 -6.93 19.64 5.60
CA ARG B 117 -7.59 20.84 6.10
C ARG B 117 -6.62 22.03 6.07
N PRO B 118 -7.04 23.19 5.58
CA PRO B 118 -6.23 24.41 5.77
C PRO B 118 -5.99 24.70 7.26
N GLY B 119 -4.79 25.21 7.56
CA GLY B 119 -4.36 25.42 8.93
C GLY B 119 -3.44 24.33 9.45
N THR B 120 -3.45 23.17 8.81
CA THR B 120 -2.63 22.04 9.23
C THR B 120 -1.15 22.33 9.00
N LEU B 121 -0.32 21.89 9.94
CA LEU B 121 1.12 22.03 9.85
C LEU B 121 1.73 20.78 9.22
N CYS B 122 2.66 20.99 8.29
CA CYS B 122 3.31 19.90 7.58
C CYS B 122 4.76 20.27 7.31
N THR B 123 5.63 19.25 7.31
CA THR B 123 7.07 19.43 7.18
C THR B 123 7.51 19.03 5.77
N VAL B 124 8.38 19.83 5.18
CA VAL B 124 9.05 19.51 3.94
C VAL B 124 10.56 19.50 4.18
N ALA B 125 11.27 18.63 3.47
CA ALA B 125 12.71 18.46 3.61
C ALA B 125 13.34 18.34 2.23
N GLY B 126 14.60 18.73 2.12
CA GLY B 126 15.28 18.64 0.84
C GLY B 126 16.67 19.24 0.91
N TRP B 127 17.40 19.08 -0.19
CA TRP B 127 18.74 19.61 -0.35
C TRP B 127 18.77 20.80 -1.29
N GLY B 128 17.64 21.46 -1.46
CA GLY B 128 17.57 22.54 -2.42
C GLY B 128 18.30 23.79 -1.93
N ARG B 129 18.36 24.77 -2.83
CA ARG B 129 18.94 26.07 -2.49
C ARG B 129 18.20 26.69 -1.32
N VAL B 130 18.95 27.46 -0.51
CA VAL B 130 18.35 28.11 0.66
C VAL B 130 18.06 29.60 0.44
N SER B 131 18.58 30.18 -0.63
CA SER B 131 18.31 31.55 -1.03
C SER B 131 18.67 31.69 -2.50
N MET B 132 18.45 32.89 -3.05
CA MET B 132 18.96 33.18 -4.38
C MET B 132 20.47 33.03 -4.46
N ARG B 133 21.15 33.01 -3.32
CA ARG B 133 22.59 33.19 -3.22
C ARG B 133 23.35 31.92 -2.85
N ARG B 134 22.77 31.03 -2.05
CA ARG B 134 23.54 29.90 -1.51
C ARG B 134 22.70 28.63 -1.51
N GLY B 135 23.40 27.50 -1.41
CA GLY B 135 22.77 26.19 -1.31
C GLY B 135 23.14 25.46 -0.04
N THR B 136 23.00 24.13 -0.02
CA THR B 136 23.34 23.35 1.16
C THR B 136 23.88 22.00 0.71
N ASP B 137 24.85 21.48 1.47
CA ASP B 137 25.31 20.11 1.28
C ASP B 137 24.52 19.10 2.09
N THR B 138 23.84 19.55 3.14
CA THR B 138 23.15 18.66 4.05
C THR B 138 21.66 18.89 3.97
N LEU B 139 20.92 17.87 4.38
CA LEU B 139 19.46 17.93 4.34
C LEU B 139 18.93 18.97 5.32
N ARG B 140 17.95 19.75 4.87
CA ARG B 140 17.32 20.78 5.67
C ARG B 140 15.81 20.58 5.68
N GLU B 141 15.12 21.21 6.62
CA GLU B 141 13.69 20.97 6.73
C GLU B 141 12.99 22.19 7.31
N VAL B 142 11.70 22.32 7.01
CA VAL B 142 10.93 23.47 7.49
C VAL B 142 9.48 23.05 7.62
N GLN B 143 8.81 23.58 8.63
CA GLN B 143 7.39 23.31 8.83
C GLN B 143 6.58 24.44 8.22
N LEU B 144 5.59 24.09 7.41
CA LEU B 144 4.73 25.03 6.71
C LEU B 144 3.26 24.77 7.08
N ARG B 145 2.42 25.74 6.75
CA ARG B 145 1.00 25.69 7.06
C ARG B 145 0.22 25.56 5.77
N VAL B 146 -0.72 24.62 5.74
CA VAL B 146 -1.55 24.44 4.57
C VAL B 146 -2.51 25.63 4.45
N GLN B 147 -2.62 26.19 3.24
CA GLN B 147 -3.40 27.40 2.98
C GLN B 147 -4.78 27.07 2.44
N ARG B 148 -5.67 28.06 2.57
CA ARG B 148 -6.95 28.00 1.86
C ARG B 148 -6.68 28.08 0.36
N ASP B 149 -7.49 27.33 -0.41
CA ASP B 149 -7.29 27.26 -1.86
C ASP B 149 -7.29 28.63 -2.50
N ARG B 150 -8.08 29.58 -1.97
CA ARG B 150 -8.17 30.89 -2.60
C ARG B 150 -6.82 31.60 -2.69
N GLN B 151 -5.85 31.23 -1.87
CA GLN B 151 -4.55 31.91 -1.91
C GLN B 151 -3.78 31.54 -3.17
N CYS B 152 -3.89 30.29 -3.62
CA CYS B 152 -3.17 29.90 -4.83
C CYS B 152 -3.98 30.17 -6.08
N LEU B 153 -5.31 30.07 -5.99
CA LEU B 153 -6.16 30.39 -7.14
C LEU B 153 -5.97 31.84 -7.59
N ARG B 154 -5.70 32.76 -6.65
CA ARG B 154 -5.51 34.16 -7.01
C ARG B 154 -4.16 34.42 -7.67
N ILE B 155 -3.21 33.49 -7.56
CA ILE B 155 -1.82 33.77 -7.88
C ILE B 155 -1.35 32.85 -9.01
N PHE B 156 -1.91 31.64 -9.06
CA PHE B 156 -1.42 30.57 -9.95
C PHE B 156 -2.53 30.19 -10.91
N GLY B 157 -2.30 30.45 -12.20
CA GLY B 157 -3.35 30.34 -13.20
C GLY B 157 -3.82 28.93 -13.49
N SER B 158 -3.02 27.92 -13.19
CA SER B 158 -3.39 26.54 -13.49
C SER B 158 -3.54 25.70 -12.23
N TYR B 159 -3.68 26.34 -11.08
CA TYR B 159 -3.80 25.61 -9.82
C TYR B 159 -5.13 24.87 -9.76
N ASP B 160 -5.08 23.57 -9.44
CA ASP B 160 -6.26 22.71 -9.35
C ASP B 160 -6.40 22.11 -7.96
N PRO B 161 -7.35 22.56 -7.13
CA PRO B 161 -7.40 22.08 -5.73
C PRO B 161 -7.70 20.60 -5.61
N ARG B 162 -8.28 19.96 -6.61
CA ARG B 162 -8.56 18.53 -6.46
C ARG B 162 -7.29 17.70 -6.48
N ARG B 163 -6.25 18.16 -7.17
CA ARG B 163 -5.02 17.39 -7.33
C ARG B 163 -3.79 18.12 -6.79
N GLN B 164 -3.96 19.29 -6.18
CA GLN B 164 -2.84 20.07 -5.71
C GLN B 164 -3.16 20.67 -4.35
N ILE B 165 -2.10 20.97 -3.59
CA ILE B 165 -2.22 21.56 -2.26
C ILE B 165 -1.54 22.92 -2.29
N CYS B 166 -2.18 23.92 -1.70
CA CYS B 166 -1.61 25.26 -1.58
C CYS B 166 -0.99 25.39 -0.19
N VAL B 167 0.31 25.68 -0.13
CA VAL B 167 1.07 25.51 1.12
C VAL B 167 1.91 26.76 1.39
N GLY B 168 1.90 27.20 2.63
CA GLY B 168 2.87 28.18 3.08
C GLY B 168 2.26 29.54 3.29
N ASP B 169 2.54 30.12 4.46
CA ASP B 169 2.03 31.44 4.81
C ASP B 169 2.92 32.51 4.19
N ARG B 170 2.31 33.44 3.46
CA ARG B 170 3.07 34.48 2.79
C ARG B 170 3.84 35.34 3.79
N ARG B 171 3.24 35.57 4.97
CA ARG B 171 3.85 36.47 5.93
C ARG B 171 5.26 36.01 6.31
N GLU B 172 5.47 34.70 6.39
CA GLU B 172 6.76 34.17 6.80
C GLU B 172 7.55 33.70 5.60
N ARG B 173 8.87 33.88 5.66
CA ARG B 173 9.74 33.44 4.58
C ARG B 173 10.20 32.00 4.84
N LYS B 174 9.25 31.08 4.67
CA LYS B 174 9.52 29.65 4.74
C LYS B 174 8.97 29.01 3.48
N ALA B 175 9.80 28.27 2.76
CA ALA B 175 9.35 27.68 1.51
C ALA B 175 10.29 26.56 1.11
N ALA B 176 9.80 25.69 0.22
CA ALA B 176 10.65 24.88 -0.61
C ALA B 176 11.18 25.72 -1.77
N PHE B 177 12.34 25.38 -2.30
CA PHE B 177 12.96 26.17 -3.35
C PHE B 177 13.69 25.22 -4.30
N LYS B 178 14.62 25.76 -5.10
CA LYS B 178 15.15 25.00 -6.23
C LYS B 178 16.01 23.84 -5.77
N GLY B 179 15.70 22.64 -6.29
CA GLY B 179 16.32 21.42 -5.84
C GLY B 179 15.47 20.62 -4.86
N ASP B 180 14.41 21.21 -4.33
CA ASP B 180 13.52 20.51 -3.42
C ASP B 180 12.40 19.77 -4.14
N SER B 181 12.21 20.01 -5.44
CA SER B 181 11.18 19.35 -6.20
C SER B 181 11.20 17.84 -5.98
N GLY B 182 10.01 17.27 -5.85
CA GLY B 182 9.87 15.84 -5.67
C GLY B 182 9.98 15.38 -4.23
N GLY B 183 10.42 16.24 -3.31
CA GLY B 183 10.47 15.88 -1.92
C GLY B 183 9.09 15.83 -1.30
N PRO B 184 8.96 15.15 -0.16
CA PRO B 184 7.63 14.92 0.42
C PRO B 184 7.16 16.09 1.26
N LEU B 185 5.84 16.26 1.30
CA LEU B 185 5.18 17.07 2.33
C LEU B 185 4.59 16.10 3.35
N LEU B 186 5.09 16.14 4.57
CA LEU B 186 4.72 15.17 5.59
C LEU B 186 3.82 15.82 6.62
N CYS B 187 2.67 15.19 6.87
CA CYS B 187 1.72 15.69 7.87
C CYS B 187 1.45 14.53 8.81
N ASN B 188 1.92 14.65 10.05
CA ASN B 188 1.88 13.55 11.01
C ASN B 188 2.47 12.27 10.41
N ASN B 189 3.66 12.40 9.83
CA ASN B 189 4.49 11.27 9.40
C ASN B 189 3.90 10.54 8.19
N VAL B 190 3.01 11.18 7.46
CA VAL B 190 2.45 10.62 6.23
C VAL B 190 2.72 11.59 5.09
N ALA B 191 3.19 11.07 3.96
CA ALA B 191 3.52 11.88 2.81
C ALA B 191 2.23 12.27 2.10
N HIS B 192 1.79 13.52 2.24
CA HIS B 192 0.56 13.96 1.59
C HIS B 192 0.79 14.78 0.32
N GLY B 193 2.01 15.26 0.09
CA GLY B 193 2.24 16.12 -1.05
C GLY B 193 3.63 15.89 -1.59
N ILE B 194 3.86 16.47 -2.76
CA ILE B 194 5.13 16.37 -3.46
C ILE B 194 5.48 17.78 -3.90
N VAL B 195 6.67 18.26 -3.51
CA VAL B 195 7.13 19.58 -3.94
C VAL B 195 7.00 19.68 -5.45
N SER B 196 6.29 20.69 -5.95
CA SER B 196 6.10 20.86 -7.39
C SER B 196 6.58 22.23 -7.87
N TYR B 197 5.89 23.33 -7.54
CA TYR B 197 6.28 24.60 -8.13
C TYR B 197 5.86 25.78 -7.28
N GLY B 198 6.46 26.94 -7.59
CA GLY B 198 6.04 28.17 -6.94
C GLY B 198 6.35 29.37 -7.80
N LYS B 199 6.52 30.52 -7.16
CA LYS B 199 7.02 31.70 -7.83
C LYS B 199 8.54 31.67 -7.87
N SER B 200 9.11 32.39 -8.86
CA SER B 200 10.55 32.44 -9.01
C SER B 200 11.24 33.08 -7.81
N SER B 201 10.53 33.93 -7.07
CA SER B 201 11.10 34.60 -5.91
C SER B 201 11.21 33.70 -4.68
N GLY B 202 10.49 32.57 -4.66
CA GLY B 202 10.43 31.72 -3.49
C GLY B 202 9.42 32.15 -2.45
N VAL B 203 8.82 33.33 -2.59
CA VAL B 203 7.82 33.82 -1.65
C VAL B 203 6.62 32.88 -1.63
N PRO B 204 6.18 32.38 -0.49
CA PRO B 204 5.03 31.50 -0.47
C PRO B 204 3.77 32.28 -0.80
N PRO B 205 2.65 31.61 -1.09
CA PRO B 205 2.38 30.16 -1.09
C PRO B 205 2.97 29.46 -2.30
N GLU B 206 3.05 28.14 -2.23
CA GLU B 206 3.58 27.34 -3.32
C GLU B 206 2.66 26.15 -3.51
N VAL B 207 2.88 25.40 -4.58
CA VAL B 207 1.95 24.34 -4.99
C VAL B 207 2.65 22.98 -4.92
N PHE B 208 1.99 22.04 -4.26
CA PHE B 208 2.42 20.66 -4.10
C PHE B 208 1.41 19.78 -4.82
N THR B 209 1.90 18.69 -5.40
CA THR B 209 0.97 17.67 -5.88
C THR B 209 0.33 16.97 -4.71
N ARG B 210 -0.98 16.73 -4.80
CA ARG B 210 -1.74 16.10 -3.71
C ARG B 210 -1.69 14.60 -3.90
N VAL B 211 -0.88 13.92 -3.07
CA VAL B 211 -0.59 12.49 -3.27
C VAL B 211 -1.88 11.68 -3.23
N SER B 212 -2.81 12.05 -2.33
CA SER B 212 -4.01 11.23 -2.17
C SER B 212 -4.84 11.18 -3.44
N SER B 213 -4.81 12.23 -4.26
CA SER B 213 -5.55 12.21 -5.51
C SER B 213 -4.99 11.18 -6.48
N PHE B 214 -3.78 10.68 -6.25
CA PHE B 214 -3.15 9.79 -7.22
C PHE B 214 -2.95 8.39 -6.68
N LEU B 215 -3.55 8.07 -5.52
CA LEU B 215 -3.32 6.77 -4.90
C LEU B 215 -3.63 5.59 -5.82
N PRO B 216 -4.76 5.57 -6.55
CA PRO B 216 -5.01 4.39 -7.42
C PRO B 216 -3.93 4.17 -8.44
N TRP B 217 -3.50 5.23 -9.14
CA TRP B 217 -2.45 5.11 -10.14
C TRP B 217 -1.13 4.67 -9.50
N ILE B 218 -0.83 5.18 -8.32
CA ILE B 218 0.40 4.78 -7.64
C ILE B 218 0.36 3.30 -7.31
N ARG B 219 -0.76 2.84 -6.73
CA ARG B 219 -0.88 1.43 -6.39
C ARG B 219 -0.84 0.55 -7.63
N THR B 220 -1.56 0.95 -8.68
CA THR B 220 -1.58 0.18 -9.92
C THR B 220 -0.18 0.07 -10.53
N THR B 221 0.56 1.17 -10.51
CA THR B 221 1.86 1.20 -11.17
C THR B 221 2.88 0.36 -10.42
N MET B 222 2.80 0.33 -9.10
CA MET B 222 3.73 -0.47 -8.32
C MET B 222 3.39 -1.95 -8.34
N ARG B 223 2.23 -2.30 -8.86
CA ARG B 223 1.71 -3.63 -8.66
C ARG B 223 1.85 -4.43 -9.94
N THR C 3 -4.83 -36.30 24.59
CA THR C 3 -3.75 -36.27 23.61
C THR C 3 -4.26 -36.69 22.23
N VAL C 4 -5.57 -36.55 22.01
CA VAL C 4 -6.16 -36.72 20.69
C VAL C 4 -7.00 -35.50 20.36
N GLN C 5 -7.10 -35.20 19.07
CA GLN C 5 -7.87 -34.06 18.59
C GLN C 5 -9.13 -34.56 17.91
N VAL C 6 -10.26 -33.95 18.25
CA VAL C 6 -11.56 -34.31 17.70
C VAL C 6 -12.14 -33.11 16.99
N PRO C 7 -12.34 -33.17 15.68
CA PRO C 7 -12.89 -32.01 14.97
C PRO C 7 -14.32 -31.73 15.38
N TYR C 8 -14.67 -30.45 15.33
CA TYR C 8 -16.05 -30.06 15.53
C TYR C 8 -16.39 -28.92 14.57
N THR C 9 -17.68 -28.77 14.32
CA THR C 9 -18.18 -27.64 13.54
C THR C 9 -19.32 -27.00 14.30
N ILE C 10 -19.57 -25.74 13.99
CA ILE C 10 -20.60 -24.95 14.66
C ILE C 10 -21.42 -24.23 13.61
N THR C 11 -22.73 -24.43 13.64
CA THR C 11 -23.65 -23.63 12.85
C THR C 11 -24.57 -22.89 13.81
N VAL C 12 -24.70 -21.59 13.61
CA VAL C 12 -25.56 -20.77 14.43
C VAL C 12 -26.38 -19.91 13.49
N ASN C 13 -27.71 -20.03 13.57
CA ASN C 13 -28.60 -19.21 12.75
C ASN C 13 -28.27 -19.35 11.27
N GLY C 14 -27.96 -20.57 10.85
CA GLY C 14 -27.74 -20.89 9.46
C GLY C 14 -26.33 -20.65 8.95
N THR C 15 -25.41 -20.13 9.78
CA THR C 15 -24.08 -19.75 9.32
C THR C 15 -23.01 -20.52 10.09
N SER C 16 -21.92 -20.82 9.40
CA SER C 16 -20.87 -21.71 9.91
C SER C 16 -19.52 -21.17 9.45
N GLN C 17 -18.66 -20.79 10.38
CA GLN C 17 -17.32 -20.32 10.02
C GLN C 17 -16.58 -21.40 9.25
N ASN C 18 -15.80 -20.99 8.26
CA ASN C 18 -15.03 -21.96 7.47
C ASN C 18 -13.68 -22.31 8.11
N ILE C 19 -13.63 -22.37 9.44
CA ILE C 19 -12.40 -22.69 10.16
C ILE C 19 -12.37 -24.20 10.37
N LEU C 20 -11.17 -24.77 10.45
CA LEU C 20 -11.02 -26.18 10.80
C LEU C 20 -10.65 -26.23 12.28
N SER C 21 -11.59 -26.66 13.11
CA SER C 21 -11.50 -26.53 14.57
C SER C 21 -11.52 -27.91 15.22
N ASN C 22 -10.70 -28.07 16.27
CA ASN C 22 -10.63 -29.32 17.03
C ASN C 22 -10.74 -29.05 18.51
N LEU C 23 -11.26 -30.04 19.23
CA LEU C 23 -11.21 -30.14 20.68
C LEU C 23 -10.16 -31.14 21.11
N THR C 24 -9.41 -30.79 22.15
CA THR C 24 -8.41 -31.68 22.72
C THR C 24 -9.05 -32.58 23.78
N PHE C 25 -8.80 -33.89 23.65
CA PHE C 25 -9.25 -34.88 24.62
C PHE C 25 -8.07 -35.74 25.03
N ASN C 26 -8.14 -36.26 26.25
CA ASN C 26 -7.19 -37.26 26.70
C ASN C 26 -7.45 -38.59 25.98
N LYS C 27 -6.39 -39.19 25.46
CA LYS C 27 -6.51 -40.40 24.65
C LYS C 27 -7.10 -41.54 25.45
N ASN C 28 -8.16 -42.14 24.91
CA ASN C 28 -8.77 -43.33 25.49
C ASN C 28 -9.23 -43.09 26.93
N GLN C 29 -9.89 -41.95 27.16
CA GLN C 29 -10.42 -41.59 28.47
C GLN C 29 -11.94 -41.65 28.43
N ASN C 30 -12.52 -42.29 29.44
CA ASN C 30 -13.96 -42.22 29.64
C ASN C 30 -14.29 -40.89 30.30
N ILE C 31 -15.19 -40.12 29.68
CA ILE C 31 -15.63 -38.84 30.19
C ILE C 31 -17.17 -38.85 30.19
N SER C 32 -17.75 -38.02 31.04
CA SER C 32 -19.20 -37.99 31.13
C SER C 32 -19.77 -37.06 30.06
N TYR C 33 -21.07 -37.22 29.79
CA TYR C 33 -21.71 -36.28 28.87
C TYR C 33 -21.89 -34.89 29.48
N LYS C 34 -21.82 -34.77 30.81
CA LYS C 34 -21.78 -33.46 31.44
C LYS C 34 -20.51 -32.71 31.06
N ASP C 35 -19.38 -33.43 31.00
CA ASP C 35 -18.13 -32.80 30.63
C ASP C 35 -18.09 -32.51 29.13
N LEU C 36 -18.61 -33.44 28.33
CA LEU C 36 -18.66 -33.20 26.89
C LEU C 36 -19.53 -31.99 26.58
N GLU C 37 -20.66 -31.86 27.27
CA GLU C 37 -21.47 -30.66 27.10
C GLU C 37 -20.70 -29.41 27.51
N GLY C 38 -19.88 -29.51 28.55
CA GLY C 38 -19.07 -28.37 28.96
C GLY C 38 -18.12 -27.92 27.87
N LYS C 39 -17.48 -28.88 27.18
CA LYS C 39 -16.62 -28.51 26.07
C LYS C 39 -17.44 -27.87 24.95
N VAL C 40 -18.60 -28.46 24.63
CA VAL C 40 -19.46 -27.90 23.58
C VAL C 40 -19.84 -26.47 23.91
N LYS C 41 -20.30 -26.23 25.14
CA LYS C 41 -20.70 -24.88 25.49
C LYS C 41 -19.51 -23.93 25.47
N SER C 42 -18.33 -24.44 25.79
CA SER C 42 -17.11 -23.63 25.78
C SER C 42 -16.79 -23.14 24.38
N VAL C 43 -16.85 -24.01 23.38
CA VAL C 43 -16.49 -23.53 22.05
C VAL C 43 -17.61 -22.70 21.44
N LEU C 44 -18.86 -22.92 21.83
CA LEU C 44 -19.93 -22.03 21.38
C LEU C 44 -19.66 -20.61 21.87
N GLU C 45 -19.19 -20.48 23.10
CA GLU C 45 -18.92 -19.16 23.64
C GLU C 45 -17.70 -18.53 22.98
N SER C 46 -16.60 -19.29 22.89
CA SER C 46 -15.35 -18.71 22.41
C SER C 46 -15.32 -18.51 20.90
N ASN C 47 -16.08 -19.30 20.12
CA ASN C 47 -16.09 -19.11 18.67
C ASN C 47 -17.21 -18.20 18.19
N ARG C 48 -18.37 -18.25 18.84
CA ARG C 48 -19.53 -17.53 18.33
C ARG C 48 -20.22 -16.65 19.37
N GLY C 49 -19.68 -16.53 20.58
CA GLY C 49 -20.28 -15.69 21.61
C GLY C 49 -21.66 -16.13 22.04
N ILE C 50 -21.94 -17.43 22.01
CA ILE C 50 -23.24 -17.98 22.37
C ILE C 50 -23.18 -18.43 23.83
N THR C 51 -24.11 -17.94 24.64
CA THR C 51 -24.17 -18.26 26.06
C THR C 51 -25.41 -19.11 26.37
N ASP C 52 -25.60 -19.38 27.66
CA ASP C 52 -26.67 -20.30 28.08
C ASP C 52 -28.05 -19.71 27.83
N VAL C 53 -28.22 -18.39 28.02
CA VAL C 53 -29.51 -17.78 27.78
C VAL C 53 -29.86 -17.85 26.29
N ASP C 54 -28.85 -17.73 25.42
CA ASP C 54 -29.09 -17.83 23.98
C ASP C 54 -29.55 -19.22 23.57
N LEU C 55 -29.00 -20.26 24.21
CA LEU C 55 -29.45 -21.62 23.94
C LEU C 55 -30.87 -21.87 24.42
N ARG C 56 -31.28 -21.25 25.54
CA ARG C 56 -32.66 -21.41 26.02
C ARG C 56 -33.68 -20.84 25.05
N LEU C 57 -33.36 -19.70 24.43
CA LEU C 57 -34.30 -18.99 23.59
C LEU C 57 -34.24 -19.39 22.11
N SER C 58 -33.23 -20.16 21.70
CA SER C 58 -33.22 -20.65 20.33
C SER C 58 -34.38 -21.63 20.14
N LYS C 59 -34.85 -21.74 18.89
CA LYS C 59 -35.89 -22.72 18.61
C LYS C 59 -35.37 -24.13 18.84
N GLN C 60 -34.24 -24.47 18.24
CA GLN C 60 -33.59 -25.75 18.47
C GLN C 60 -32.11 -25.53 18.76
N ALA C 61 -31.54 -26.42 19.57
CA ALA C 61 -30.12 -26.34 19.94
C ALA C 61 -29.66 -27.75 20.27
N LYS C 62 -28.81 -28.31 19.44
CA LYS C 62 -28.39 -29.70 19.60
C LYS C 62 -26.95 -29.85 19.16
N TYR C 63 -26.32 -30.93 19.60
CA TYR C 63 -25.06 -31.32 19.01
C TYR C 63 -25.10 -32.80 18.74
N THR C 64 -24.40 -33.20 17.68
CA THR C 64 -24.39 -34.58 17.25
C THR C 64 -22.97 -35.12 17.39
N VAL C 65 -22.85 -36.22 18.10
CA VAL C 65 -21.58 -36.93 18.23
C VAL C 65 -21.57 -38.00 17.14
N ASN C 66 -20.63 -37.89 16.20
CA ASN C 66 -20.46 -38.91 15.17
C ASN C 66 -19.40 -39.89 15.64
N PHE C 67 -19.75 -41.16 15.68
CA PHE C 67 -18.84 -42.18 16.17
C PHE C 67 -18.02 -42.78 15.03
N LYS C 68 -16.84 -43.29 15.38
CA LYS C 68 -15.97 -43.88 14.37
C LYS C 68 -16.64 -45.06 13.69
N ASN C 69 -17.56 -45.75 14.37
CA ASN C 69 -18.21 -46.92 13.78
C ASN C 69 -19.41 -46.57 12.91
N GLY C 70 -19.57 -45.29 12.55
CA GLY C 70 -20.60 -44.89 11.63
C GLY C 70 -21.93 -44.52 12.25
N THR C 71 -22.10 -44.73 13.54
CA THR C 71 -23.34 -44.33 14.20
C THR C 71 -23.23 -42.87 14.64
N LYS C 72 -24.34 -42.34 15.14
CA LYS C 72 -24.36 -40.99 15.67
C LYS C 72 -25.30 -40.94 16.86
N LYS C 73 -25.04 -39.98 17.74
CA LYS C 73 -25.90 -39.67 18.87
C LYS C 73 -26.24 -38.20 18.79
N VAL C 74 -27.53 -37.88 18.81
CA VAL C 74 -28.00 -36.49 18.73
C VAL C 74 -28.42 -36.06 20.13
N ILE C 75 -27.82 -34.98 20.63
CA ILE C 75 -28.00 -34.59 22.03
C ILE C 75 -28.58 -33.19 22.08
N ASP C 76 -29.57 -33.00 22.95
CA ASP C 76 -30.27 -31.74 23.08
C ASP C 76 -29.62 -30.88 24.16
N LEU C 77 -29.17 -29.68 23.76
CA LEU C 77 -28.57 -28.73 24.69
C LEU C 77 -29.60 -27.95 25.50
N LYS C 78 -30.87 -28.00 25.11
CA LYS C 78 -31.96 -27.39 25.86
C LYS C 78 -32.53 -28.32 26.92
N SER C 79 -32.07 -29.56 26.99
CA SER C 79 -32.56 -30.54 27.94
C SER C 79 -31.66 -30.64 29.17
N GLY C 80 -32.24 -31.13 30.26
CA GLY C 80 -31.47 -31.60 31.39
C GLY C 80 -31.22 -33.08 31.22
N ILE C 81 -31.27 -33.85 32.32
CA ILE C 81 -31.20 -35.31 32.31
C ILE C 81 -30.07 -35.79 31.42
N TYR C 82 -28.86 -35.88 31.97
CA TYR C 82 -27.75 -36.42 31.21
C TYR C 82 -28.03 -37.88 30.87
N THR C 83 -27.60 -38.30 29.68
CA THR C 83 -27.67 -39.71 29.32
C THR C 83 -26.89 -40.53 30.35
N ALA C 84 -27.55 -41.47 30.99
CA ALA C 84 -26.89 -42.27 32.02
C ALA C 84 -25.68 -43.02 31.46
N ASN C 85 -24.50 -42.38 31.48
CA ASN C 85 -23.35 -42.97 30.85
C ASN C 85 -22.13 -42.14 30.77
N LEU C 86 -21.07 -42.78 30.35
CA LEU C 86 -19.88 -42.09 30.08
C LEU C 86 -19.61 -42.41 28.62
N ILE C 87 -18.72 -41.67 28.00
CA ILE C 87 -18.35 -41.87 26.60
C ILE C 87 -16.84 -41.87 26.48
N ASN C 88 -16.31 -42.79 25.67
CA ASN C 88 -14.88 -42.89 25.47
C ASN C 88 -14.41 -41.88 24.43
N SER C 89 -13.29 -41.21 24.73
CA SER C 89 -12.79 -40.13 23.87
C SER C 89 -12.39 -40.64 22.49
N SER C 90 -11.77 -41.82 22.43
CA SER C 90 -11.26 -42.34 21.17
C SER C 90 -12.32 -43.07 20.33
N ASP C 91 -13.60 -42.96 20.69
CA ASP C 91 -14.69 -43.48 19.88
C ASP C 91 -15.33 -42.41 19.01
N ILE C 92 -15.00 -41.14 19.23
CA ILE C 92 -15.65 -40.03 18.56
C ILE C 92 -14.91 -39.71 17.28
N LYS C 93 -15.64 -39.66 16.17
CA LYS C 93 -15.10 -39.17 14.91
C LYS C 93 -15.14 -37.65 14.84
N SER C 94 -16.28 -37.06 15.17
CA SER C 94 -16.44 -35.62 15.09
C SER C 94 -17.70 -35.21 15.83
N ILE C 95 -17.86 -33.91 16.01
CA ILE C 95 -19.00 -33.33 16.70
C ILE C 95 -19.52 -32.19 15.86
N ASN C 96 -20.82 -32.22 15.56
CA ASN C 96 -21.49 -31.14 14.82
C ASN C 96 -22.45 -30.42 15.76
N ILE C 97 -22.22 -29.13 15.98
CA ILE C 97 -23.04 -28.33 16.88
C ILE C 97 -23.95 -27.45 16.04
N ASN C 98 -25.24 -27.43 16.38
CA ASN C 98 -26.25 -26.74 15.57
C ASN C 98 -27.21 -25.98 16.49
N VAL C 99 -27.21 -24.66 16.38
CA VAL C 99 -28.11 -23.85 17.20
C VAL C 99 -29.14 -23.11 16.34
N SER D 2 36.37 19.27 -18.35
CA SER D 2 36.48 20.26 -19.42
C SER D 2 35.13 20.90 -19.75
N THR D 3 34.11 20.57 -18.96
CA THR D 3 32.80 21.17 -19.10
C THR D 3 32.37 21.76 -17.76
N VAL D 4 31.50 22.76 -17.83
CA VAL D 4 30.98 23.43 -16.65
C VAL D 4 29.45 23.43 -16.72
N GLN D 5 28.82 23.27 -15.57
CA GLN D 5 27.37 23.40 -15.45
C GLN D 5 27.03 24.84 -15.07
N VAL D 6 26.00 25.37 -15.73
CA VAL D 6 25.52 26.73 -15.46
C VAL D 6 24.06 26.63 -15.04
N PRO D 7 23.73 26.98 -13.80
CA PRO D 7 22.34 26.87 -13.36
C PRO D 7 21.43 27.81 -14.13
N TYR D 8 20.20 27.37 -14.36
CA TYR D 8 19.20 28.22 -14.98
C TYR D 8 17.86 27.97 -14.31
N THR D 9 17.00 28.98 -14.39
CA THR D 9 15.63 28.84 -13.91
C THR D 9 14.68 29.25 -15.02
N ILE D 10 13.47 28.73 -14.93
CA ILE D 10 12.42 29.00 -15.90
C ILE D 10 11.14 29.38 -15.16
N THR D 11 10.62 30.55 -15.48
CA THR D 11 9.29 30.94 -15.06
C THR D 11 8.44 31.11 -16.30
N VAL D 12 7.27 30.49 -16.29
CA VAL D 12 6.33 30.55 -17.41
C VAL D 12 4.97 30.88 -16.83
N ASN D 13 4.34 31.95 -17.33
CA ASN D 13 3.04 32.37 -16.82
C ASN D 13 3.01 32.38 -15.29
N GLY D 14 4.08 32.90 -14.70
CA GLY D 14 4.14 33.11 -13.26
C GLY D 14 4.43 31.88 -12.42
N THR D 15 4.80 30.74 -13.02
CA THR D 15 5.10 29.54 -12.25
C THR D 15 6.49 29.02 -12.59
N SER D 16 7.18 28.48 -11.60
CA SER D 16 8.56 28.03 -11.75
C SER D 16 8.70 26.69 -11.04
N GLN D 17 9.13 25.64 -11.73
CA GLN D 17 9.28 24.36 -11.06
C GLN D 17 10.47 24.41 -10.11
N ASN D 18 10.35 23.70 -8.99
CA ASN D 18 11.38 23.77 -7.94
C ASN D 18 12.56 22.83 -8.20
N ILE D 19 12.93 22.67 -9.46
CA ILE D 19 14.03 21.79 -9.84
C ILE D 19 15.31 22.61 -9.87
N LEU D 20 16.43 21.98 -9.56
CA LEU D 20 17.74 22.63 -9.68
C LEU D 20 18.31 22.15 -11.00
N SER D 21 18.28 23.02 -12.01
CA SER D 21 18.62 22.65 -13.38
C SER D 21 19.85 23.41 -13.82
N ASN D 22 20.71 22.73 -14.59
CA ASN D 22 21.94 23.29 -15.12
C ASN D 22 22.04 23.02 -16.61
N LEU D 23 22.67 23.95 -17.32
CA LEU D 23 23.10 23.77 -18.70
C LEU D 23 24.57 23.39 -18.73
N THR D 24 24.92 22.43 -19.59
CA THR D 24 26.32 22.09 -19.80
C THR D 24 26.94 22.99 -20.88
N PHE D 25 28.11 23.57 -20.56
CA PHE D 25 28.89 24.35 -21.51
C PHE D 25 30.31 23.82 -21.55
N ASN D 26 30.99 24.03 -22.67
CA ASN D 26 32.42 23.78 -22.70
C ASN D 26 33.15 24.87 -21.94
N LYS D 27 34.13 24.46 -21.13
CA LYS D 27 34.82 25.40 -20.24
C LYS D 27 35.57 26.45 -21.05
N ASN D 28 35.43 27.71 -20.62
CA ASN D 28 36.14 28.85 -21.20
C ASN D 28 36.03 28.86 -22.73
N GLN D 29 34.81 28.68 -23.23
CA GLN D 29 34.54 28.74 -24.65
C GLN D 29 33.71 29.97 -24.96
N ASN D 30 34.11 30.70 -25.99
CA ASN D 30 33.32 31.83 -26.46
C ASN D 30 32.24 31.30 -27.41
N ILE D 31 30.99 31.65 -27.14
CA ILE D 31 29.87 31.15 -27.91
C ILE D 31 29.00 32.33 -28.35
N SER D 32 28.29 32.15 -29.45
CA SER D 32 27.53 33.28 -29.94
C SER D 32 26.24 33.44 -29.13
N TYR D 33 25.64 34.62 -29.23
CA TYR D 33 24.34 34.80 -28.60
C TYR D 33 23.24 34.01 -29.30
N LYS D 34 23.45 33.64 -30.57
CA LYS D 34 22.54 32.71 -31.23
C LYS D 34 22.61 31.32 -30.60
N ASP D 35 23.82 30.83 -30.33
CA ASP D 35 23.96 29.53 -29.68
C ASP D 35 23.36 29.55 -28.30
N LEU D 36 23.63 30.61 -27.52
CA LEU D 36 23.04 30.70 -26.20
C LEU D 36 21.52 30.70 -26.27
N GLU D 37 20.95 31.38 -27.26
CA GLU D 37 19.50 31.37 -27.42
C GLU D 37 18.98 29.99 -27.75
N GLY D 38 19.75 29.22 -28.51
CA GLY D 38 19.34 27.84 -28.81
C GLY D 38 19.26 26.99 -27.56
N LYS D 39 20.23 27.14 -26.66
CA LYS D 39 20.19 26.40 -25.40
C LYS D 39 18.98 26.82 -24.57
N VAL D 40 18.69 28.11 -24.56
CA VAL D 40 17.53 28.60 -23.81
C VAL D 40 16.24 28.05 -24.37
N LYS D 41 16.08 28.08 -25.69
CA LYS D 41 14.86 27.53 -26.28
C LYS D 41 14.79 26.02 -26.09
N SER D 42 15.95 25.36 -26.07
CA SER D 42 15.96 23.92 -25.89
C SER D 42 15.44 23.54 -24.50
N VAL D 43 15.83 24.28 -23.46
CA VAL D 43 15.33 23.89 -22.13
C VAL D 43 13.92 24.40 -21.88
N LEU D 44 13.48 25.46 -22.57
CA LEU D 44 12.08 25.84 -22.46
C LEU D 44 11.17 24.75 -23.02
N GLU D 45 11.59 24.12 -24.11
CA GLU D 45 10.80 23.06 -24.71
C GLU D 45 10.87 21.79 -23.88
N SER D 46 12.06 21.42 -23.40
CA SER D 46 12.18 20.16 -22.67
C SER D 46 11.65 20.25 -21.25
N ASN D 47 11.69 21.41 -20.63
CA ASN D 47 11.19 21.52 -19.26
C ASN D 47 9.72 21.94 -19.20
N ARG D 48 9.28 22.82 -20.10
CA ARG D 48 7.91 23.35 -19.99
C ARG D 48 7.14 23.24 -21.28
N GLY D 49 7.64 22.49 -22.27
CA GLY D 49 6.93 22.36 -23.54
C GLY D 49 6.62 23.67 -24.24
N ILE D 50 7.52 24.64 -24.16
CA ILE D 50 7.34 25.95 -24.80
C ILE D 50 8.09 25.93 -26.12
N THR D 51 7.38 26.23 -27.22
CA THR D 51 7.93 26.27 -28.58
C THR D 51 8.01 27.71 -29.07
N ASP D 52 8.46 27.87 -30.32
CA ASP D 52 8.62 29.20 -30.88
C ASP D 52 7.29 29.93 -31.00
N VAL D 53 6.23 29.22 -31.34
CA VAL D 53 4.92 29.87 -31.47
C VAL D 53 4.42 30.36 -30.12
N ASP D 54 4.75 29.64 -29.03
CA ASP D 54 4.36 30.08 -27.70
C ASP D 54 5.10 31.36 -27.31
N LEU D 55 6.37 31.46 -27.69
CA LEU D 55 7.10 32.70 -27.48
C LEU D 55 6.47 33.85 -28.23
N ARG D 56 5.86 33.58 -29.39
CA ARG D 56 5.21 34.64 -30.15
C ARG D 56 3.90 35.08 -29.51
N LEU D 57 3.19 34.16 -28.87
CA LEU D 57 1.89 34.49 -28.27
C LEU D 57 2.05 35.28 -26.97
N SER D 58 3.07 34.98 -26.18
CA SER D 58 3.22 35.62 -24.88
C SER D 58 3.53 37.11 -25.05
N LYS D 59 3.11 37.89 -24.04
CA LYS D 59 3.38 39.33 -24.04
C LYS D 59 4.89 39.58 -24.00
N GLN D 60 5.57 39.06 -22.99
CA GLN D 60 7.01 39.19 -22.89
C GLN D 60 7.66 37.83 -22.74
N ALA D 61 8.84 37.72 -23.32
CA ALA D 61 9.67 36.53 -23.22
C ALA D 61 11.10 37.05 -23.23
N LYS D 62 11.85 36.77 -22.18
CA LYS D 62 13.21 37.25 -22.10
C LYS D 62 14.02 36.26 -21.30
N TYR D 63 15.35 36.36 -21.41
CA TYR D 63 16.21 35.68 -20.45
C TYR D 63 17.27 36.67 -19.97
N THR D 64 17.71 36.47 -18.74
CA THR D 64 18.70 37.33 -18.11
C THR D 64 19.93 36.50 -17.83
N VAL D 65 21.07 36.95 -18.32
CA VAL D 65 22.35 36.31 -18.03
C VAL D 65 22.93 37.04 -16.82
N ASN D 66 23.16 36.32 -15.73
CA ASN D 66 23.82 36.91 -14.56
C ASN D 66 25.29 36.55 -14.63
N PHE D 67 26.15 37.57 -14.62
CA PHE D 67 27.58 37.37 -14.74
C PHE D 67 28.23 37.22 -13.37
N LYS D 68 29.38 36.52 -13.37
CA LYS D 68 30.07 36.27 -12.11
C LYS D 68 30.51 37.56 -11.44
N ASN D 69 30.75 38.61 -12.22
CA ASN D 69 31.18 39.90 -11.66
C ASN D 69 30.03 40.75 -11.15
N GLY D 70 28.82 40.21 -11.01
CA GLY D 70 27.72 40.95 -10.42
C GLY D 70 26.83 41.69 -11.38
N THR D 71 27.20 41.81 -12.66
CA THR D 71 26.39 42.49 -13.65
C THR D 71 25.39 41.51 -14.28
N LYS D 72 24.51 42.05 -15.11
CA LYS D 72 23.57 41.20 -15.82
C LYS D 72 23.29 41.78 -17.20
N LYS D 73 22.80 40.92 -18.08
CA LYS D 73 22.39 41.31 -19.42
C LYS D 73 21.00 40.72 -19.64
N VAL D 74 20.04 41.56 -19.97
CA VAL D 74 18.68 41.12 -20.23
C VAL D 74 18.49 41.00 -21.74
N ILE D 75 18.00 39.86 -22.20
CA ILE D 75 17.90 39.57 -23.63
C ILE D 75 16.46 39.21 -23.97
N ASP D 76 15.92 39.86 -24.99
CA ASP D 76 14.56 39.60 -25.45
C ASP D 76 14.53 38.41 -26.40
N LEU D 77 13.65 37.45 -26.12
CA LEU D 77 13.46 36.30 -27.00
C LEU D 77 12.46 36.58 -28.12
N LYS D 78 11.71 37.68 -28.02
CA LYS D 78 10.89 38.17 -29.13
C LYS D 78 11.64 39.14 -30.03
N SER D 79 12.95 38.94 -30.22
CA SER D 79 13.77 39.79 -31.06
C SER D 79 14.65 38.93 -31.95
N GLY D 80 15.05 39.49 -33.09
CA GLY D 80 16.20 38.96 -33.80
C GLY D 80 17.46 39.18 -32.98
N ILE D 81 18.37 38.21 -33.06
CA ILE D 81 19.52 38.19 -32.15
C ILE D 81 20.45 39.38 -32.37
N TYR D 82 20.37 40.02 -33.54
CA TYR D 82 21.00 41.32 -33.79
C TYR D 82 22.53 41.23 -33.87
N THR D 83 23.18 41.02 -32.73
CA THR D 83 24.62 41.23 -32.62
C THR D 83 25.41 40.04 -33.16
N ALA D 84 26.71 40.27 -33.36
CA ALA D 84 27.67 39.24 -33.68
C ALA D 84 28.58 38.89 -32.50
N ASN D 85 28.51 39.66 -31.42
CA ASN D 85 29.36 39.46 -30.23
C ASN D 85 29.28 38.04 -29.71
N LEU D 86 30.34 37.63 -29.01
CA LEU D 86 30.41 36.36 -28.32
C LEU D 86 30.39 36.60 -26.81
N ILE D 87 30.07 35.55 -26.08
CA ILE D 87 30.09 35.58 -24.63
C ILE D 87 30.88 34.37 -24.17
N ASN D 88 31.64 34.53 -23.10
CA ASN D 88 32.47 33.45 -22.59
C ASN D 88 31.66 32.62 -21.60
N SER D 89 31.59 31.30 -21.83
CA SER D 89 30.77 30.41 -21.02
C SER D 89 31.19 30.43 -19.54
N SER D 90 32.47 30.67 -19.25
CA SER D 90 32.95 30.70 -17.88
C SER D 90 32.75 32.04 -17.19
N ASP D 91 32.09 33.00 -17.83
CA ASP D 91 31.75 34.26 -17.19
C ASP D 91 30.34 34.27 -16.64
N ILE D 92 29.57 33.23 -16.90
CA ILE D 92 28.14 33.21 -16.59
C ILE D 92 27.94 32.60 -15.21
N LYS D 93 27.24 33.32 -14.35
CA LYS D 93 26.85 32.77 -13.07
C LYS D 93 25.61 31.91 -13.19
N SER D 94 24.57 32.44 -13.82
CA SER D 94 23.29 31.77 -13.95
C SER D 94 22.48 32.47 -15.02
N ILE D 95 21.41 31.82 -15.45
CA ILE D 95 20.50 32.36 -16.45
C ILE D 95 19.08 32.23 -15.91
N ASN D 96 18.33 33.33 -15.93
CA ASN D 96 16.93 33.31 -15.52
C ASN D 96 16.07 33.52 -16.75
N ILE D 97 15.22 32.55 -17.05
CA ILE D 97 14.33 32.62 -18.20
C ILE D 97 12.94 33.00 -17.72
N ASN D 98 12.31 33.98 -18.39
CA ASN D 98 11.01 34.51 -17.96
C ASN D 98 10.13 34.71 -19.17
N VAL D 99 9.09 33.89 -19.29
CA VAL D 99 8.18 33.98 -20.43
C VAL D 99 6.80 34.50 -19.98
S SO4 E . -8.36 -3.52 -8.64
O1 SO4 E . -7.42 -3.41 -9.74
O2 SO4 E . -9.41 -2.52 -8.81
O3 SO4 E . -7.67 -3.26 -7.38
O4 SO4 E . -8.93 -4.86 -8.63
S SO4 F . -3.74 9.82 6.98
O1 SO4 F . -3.64 9.11 5.71
O2 SO4 F . -3.03 11.08 6.95
O3 SO4 F . -5.13 10.08 7.31
O4 SO4 F . -3.20 8.99 8.05
#